data_6E1Y
#
_entry.id   6E1Y
#
_cell.length_a   46.971
_cell.length_b   61.573
_cell.length_c   64.668
_cell.angle_alpha   110.47
_cell.angle_beta   91.22
_cell.angle_gamma   112.27
#
_symmetry.space_group_name_H-M   'P 1'
#
loop_
_entity.id
_entity.type
_entity.pdbx_description
1 polymer 'WD repeat-containing protein 5'
2 non-polymer N-[(1S)-1-(3-chlorophenyl)ethyl]-3-{[(4,5-dihydro-1H-imidazol-2-yl)amino]methyl}benzamide
3 water water
#
_entity_poly.entity_id   1
_entity_poly.type   'polypeptide(L)'
_entity_poly.pdbx_seq_one_letter_code
;SATQSKPTPVKPNYALKFTLAGHTKAVSSVKFSPNGEWLASSSADKLIKIWGAYDGKFEKTISGHKLGISDVAWSSDSNL
LVSASDDKTLKIWDVSSGKCLKTLKGHSNYVFCCNFNPQSNLIVSGSFDESVRIWDVKTGKCLKTLPAHSDPVSAVHFNR
DGSLIVSSSYDGLCRIWDTASGQCLKTLIDDDNPPVSFVKFSPNGKYILAATLDNTLKLWDYSKGKCLKTYTGHKNEKYC
IFANFSVTGGKWIVSGSEDNLVYIWNLQTKEIVQKLQGHTDVVISTACHPTENIIASAALENDKTIKLWKSDC
;
_entity_poly.pdbx_strand_id   A,B
#
loop_
_chem_comp.id
_chem_comp.type
_chem_comp.name
_chem_comp.formula
HLM non-polymer N-[(1S)-1-(3-chlorophenyl)ethyl]-3-{[(4,5-dihydro-1H-imidazol-2-yl)amino]methyl}benzamide 'C19 H21 Cl N4 O'
#
# COMPACT_ATOMS: atom_id res chain seq x y z
N LYS A 11 3.99 -28.44 32.84
CA LYS A 11 5.00 -27.98 31.90
C LYS A 11 5.34 -29.08 30.89
N PRO A 12 5.55 -28.73 29.63
CA PRO A 12 5.92 -29.73 28.63
C PRO A 12 7.39 -30.07 28.76
N ASN A 13 7.81 -31.10 28.04
CA ASN A 13 9.20 -31.53 28.06
C ASN A 13 9.67 -31.88 26.65
N TYR A 14 9.43 -30.96 25.72
CA TYR A 14 9.90 -31.13 24.34
C TYR A 14 11.39 -31.41 24.33
N ALA A 15 11.77 -32.47 23.59
CA ALA A 15 13.17 -32.82 23.38
C ALA A 15 13.40 -33.05 21.90
N LEU A 16 14.62 -32.81 21.47
CA LEU A 16 14.97 -32.88 20.06
C LEU A 16 14.94 -34.31 19.57
N LYS A 17 14.24 -34.54 18.48
CA LYS A 17 14.15 -35.85 17.86
C LYS A 17 14.87 -35.95 16.53
N PHE A 18 14.77 -34.93 15.67
CA PHE A 18 15.39 -34.96 14.36
C PHE A 18 15.81 -33.55 13.96
N THR A 19 16.90 -33.47 13.23
CA THR A 19 17.31 -32.25 12.54
C THR A 19 17.29 -32.53 11.05
N LEU A 20 16.53 -31.72 10.31
CA LEU A 20 16.27 -31.92 8.90
C LEU A 20 17.10 -30.92 8.11
N ALA A 21 18.09 -31.40 7.39
CA ALA A 21 19.01 -30.60 6.62
C ALA A 21 18.74 -30.79 5.14
N GLY A 22 18.86 -29.71 4.37
CA GLY A 22 18.72 -29.85 2.95
C GLY A 22 18.54 -28.51 2.28
N HIS A 23 17.84 -27.57 2.93
CA HIS A 23 17.76 -26.23 2.36
C HIS A 23 19.13 -25.59 2.32
N THR A 24 19.36 -24.77 1.31
CA THR A 24 20.68 -24.17 1.10
C THR A 24 20.69 -22.69 1.41
N LYS A 25 19.55 -22.13 1.82
CA LYS A 25 19.42 -20.77 2.31
C LYS A 25 18.48 -20.80 3.50
N ALA A 26 18.18 -19.66 4.09
CA ALA A 26 17.29 -19.58 5.24
C ALA A 26 16.00 -20.34 4.96
N VAL A 27 15.51 -21.03 5.98
CA VAL A 27 14.15 -21.55 5.94
C VAL A 27 13.23 -20.36 6.23
N SER A 28 12.04 -20.37 5.64
N SER A 28 12.03 -20.38 5.64
CA SER A 28 11.06 -19.31 5.90
CA SER A 28 11.06 -19.33 5.87
C SER A 28 9.83 -19.78 6.67
C SER A 28 9.83 -19.77 6.65
N SER A 29 9.30 -20.96 6.38
CA SER A 29 8.04 -21.40 6.97
C SER A 29 7.97 -22.91 6.93
N VAL A 30 7.54 -23.51 8.05
CA VAL A 30 7.23 -24.93 8.11
C VAL A 30 5.78 -25.08 8.53
N LYS A 31 5.12 -26.10 7.97
CA LYS A 31 3.73 -26.37 8.26
C LYS A 31 3.46 -27.87 8.21
N PHE A 32 2.73 -28.40 9.20
CA PHE A 32 2.32 -29.79 9.18
C PHE A 32 1.07 -29.95 8.33
N SER A 33 0.99 -31.04 7.58
CA SER A 33 -0.22 -31.29 6.83
C SER A 33 -1.37 -31.54 7.81
N PRO A 34 -2.61 -31.22 7.42
CA PRO A 34 -3.74 -31.45 8.33
C PRO A 34 -3.92 -32.89 8.76
N ASN A 35 -3.55 -33.85 7.93
CA ASN A 35 -3.65 -35.26 8.28
C ASN A 35 -2.48 -35.72 9.12
N GLY A 36 -1.53 -34.83 9.45
CA GLY A 36 -0.43 -35.13 10.33
C GLY A 36 0.75 -35.86 9.71
N GLU A 37 0.64 -36.29 8.45
CA GLU A 37 1.64 -37.19 7.88
C GLU A 37 2.92 -36.48 7.49
N TRP A 38 2.83 -35.23 7.09
CA TRP A 38 3.95 -34.53 6.46
C TRP A 38 4.24 -33.20 7.14
N LEU A 39 5.49 -32.79 7.02
CA LEU A 39 5.90 -31.42 7.23
C LEU A 39 6.33 -30.84 5.88
N ALA A 40 5.80 -29.69 5.52
CA ALA A 40 6.31 -28.94 4.37
C ALA A 40 7.17 -27.80 4.86
N SER A 41 8.28 -27.55 4.18
CA SER A 41 9.12 -26.39 4.45
C SER A 41 9.29 -25.59 3.18
N SER A 42 9.37 -24.27 3.35
CA SER A 42 9.74 -23.38 2.25
C SER A 42 10.96 -22.58 2.64
N SER A 43 11.64 -22.08 1.62
CA SER A 43 12.92 -21.43 1.85
C SER A 43 13.23 -20.32 0.85
N ALA A 44 14.14 -19.44 1.30
CA ALA A 44 14.80 -18.48 0.42
C ALA A 44 15.52 -19.14 -0.74
N ASP A 45 15.77 -20.44 -0.67
CA ASP A 45 16.42 -21.15 -1.76
C ASP A 45 15.49 -21.48 -2.92
N LYS A 46 14.24 -21.02 -2.87
CA LYS A 46 13.26 -21.13 -3.93
C LYS A 46 12.55 -22.49 -3.91
N LEU A 47 12.82 -23.34 -2.93
CA LEU A 47 12.33 -24.69 -2.91
C LEU A 47 11.32 -24.88 -1.78
N ILE A 48 10.43 -25.84 -2.02
CA ILE A 48 9.60 -26.49 -1.00
C ILE A 48 10.14 -27.89 -0.81
N LYS A 49 10.27 -28.33 0.43
CA LYS A 49 10.62 -29.71 0.72
C LYS A 49 9.55 -30.34 1.59
N ILE A 50 9.38 -31.64 1.41
CA ILE A 50 8.39 -32.44 2.11
C ILE A 50 9.14 -33.49 2.93
N TRP A 51 8.77 -33.62 4.20
CA TRP A 51 9.45 -34.49 5.14
C TRP A 51 8.40 -35.29 5.90
N GLY A 52 8.75 -36.52 6.25
CA GLY A 52 7.90 -37.28 7.15
C GLY A 52 7.79 -36.68 8.53
N ALA A 53 6.57 -36.53 9.04
CA ALA A 53 6.38 -35.81 10.29
C ALA A 53 6.90 -36.59 11.49
N TYR A 54 6.90 -37.92 11.40
CA TYR A 54 7.18 -38.79 12.55
C TYR A 54 8.56 -39.42 12.50
N ASP A 55 9.13 -39.60 11.32
CA ASP A 55 10.48 -40.12 11.17
C ASP A 55 11.45 -39.08 10.63
N GLY A 56 10.98 -37.89 10.27
CA GLY A 56 11.83 -36.83 9.75
C GLY A 56 12.40 -37.10 8.39
N LYS A 57 11.97 -38.15 7.71
CA LYS A 57 12.63 -38.58 6.50
C LYS A 57 12.30 -37.64 5.34
N PHE A 58 13.35 -37.19 4.65
CA PHE A 58 13.13 -36.37 3.47
C PHE A 58 12.35 -37.16 2.42
N GLU A 59 11.30 -36.55 1.87
CA GLU A 59 10.46 -37.16 0.85
C GLU A 59 10.71 -36.63 -0.55
N LYS A 60 10.61 -35.31 -0.74
CA LYS A 60 10.79 -34.74 -2.08
C LYS A 60 11.00 -33.23 -2.01
N THR A 61 11.54 -32.70 -3.11
CA THR A 61 11.67 -31.28 -3.34
C THR A 61 10.69 -30.87 -4.43
N ILE A 62 10.02 -29.76 -4.21
CA ILE A 62 9.06 -29.19 -5.16
C ILE A 62 9.64 -27.84 -5.60
N SER A 63 9.76 -27.65 -6.92
N SER A 63 9.78 -27.67 -6.93
CA SER A 63 10.47 -26.50 -7.44
CA SER A 63 10.50 -26.54 -7.49
C SER A 63 9.72 -25.85 -8.58
C SER A 63 9.69 -25.85 -8.59
N GLY A 64 10.00 -24.57 -8.79
CA GLY A 64 9.40 -23.82 -9.89
C GLY A 64 9.39 -22.31 -9.68
N HIS A 65 9.36 -21.84 -8.44
CA HIS A 65 9.45 -20.40 -8.23
C HIS A 65 10.82 -19.91 -8.68
N LYS A 66 10.84 -18.67 -9.18
CA LYS A 66 12.06 -18.07 -9.71
C LYS A 66 12.85 -17.31 -8.67
N LEU A 67 12.24 -17.02 -7.52
CA LEU A 67 12.90 -16.33 -6.41
C LEU A 67 12.43 -17.00 -5.12
N GLY A 68 12.96 -16.55 -4.00
CA GLY A 68 12.69 -17.19 -2.72
C GLY A 68 11.22 -17.21 -2.34
N ILE A 69 10.91 -18.13 -1.44
CA ILE A 69 9.56 -18.36 -0.92
C ILE A 69 9.54 -17.96 0.54
N SER A 70 8.53 -17.18 0.93
CA SER A 70 8.37 -16.75 2.30
C SER A 70 7.28 -17.47 3.09
N ASP A 71 6.41 -18.24 2.44
CA ASP A 71 5.36 -18.96 3.17
C ASP A 71 4.86 -20.07 2.30
N VAL A 72 4.26 -21.05 2.97
CA VAL A 72 3.63 -22.21 2.33
C VAL A 72 2.46 -22.61 3.23
N ALA A 73 1.44 -23.22 2.62
CA ALA A 73 0.28 -23.64 3.39
C ALA A 73 -0.39 -24.80 2.68
N TRP A 74 -1.10 -25.64 3.45
CA TRP A 74 -1.73 -26.87 2.99
C TRP A 74 -3.23 -26.71 2.82
N SER A 75 -3.76 -27.42 1.83
CA SER A 75 -5.21 -27.60 1.75
C SER A 75 -5.70 -28.58 2.81
N SER A 76 -7.01 -28.52 3.09
N SER A 76 -7.02 -28.52 3.09
CA SER A 76 -7.57 -29.33 4.18
CA SER A 76 -7.58 -29.31 4.20
C SER A 76 -7.42 -30.82 3.98
C SER A 76 -7.44 -30.82 3.99
N ASP A 77 -7.45 -31.28 2.74
CA ASP A 77 -7.31 -32.70 2.44
C ASP A 77 -5.87 -33.15 2.33
N SER A 78 -4.91 -32.28 2.60
CA SER A 78 -3.50 -32.58 2.63
C SER A 78 -2.93 -32.90 1.26
N ASN A 79 -3.65 -32.59 0.19
CA ASN A 79 -3.21 -32.91 -1.15
C ASN A 79 -2.55 -31.76 -1.89
N LEU A 80 -2.86 -30.52 -1.53
CA LEU A 80 -2.32 -29.36 -2.22
C LEU A 80 -1.51 -28.49 -1.26
N LEU A 81 -0.54 -27.77 -1.84
CA LEU A 81 0.14 -26.69 -1.16
C LEU A 81 -0.03 -25.41 -1.96
N VAL A 82 0.02 -24.26 -1.27
CA VAL A 82 0.22 -22.99 -1.92
C VAL A 82 1.47 -22.35 -1.33
N SER A 83 2.24 -21.67 -2.18
CA SER A 83 3.46 -20.98 -1.76
C SER A 83 3.40 -19.52 -2.18
N ALA A 84 4.02 -18.66 -1.39
CA ALA A 84 4.08 -17.23 -1.64
C ALA A 84 5.54 -16.83 -1.89
N SER A 85 5.81 -16.18 -3.02
CA SER A 85 7.19 -15.93 -3.45
C SER A 85 7.51 -14.49 -3.75
N ASP A 86 8.82 -14.18 -3.61
CA ASP A 86 9.37 -12.91 -4.04
C ASP A 86 9.23 -12.71 -5.55
N ASP A 87 8.97 -13.74 -6.33
CA ASP A 87 8.68 -13.58 -7.77
C ASP A 87 7.30 -12.95 -8.05
N LYS A 88 6.59 -12.54 -6.99
CA LYS A 88 5.32 -11.83 -7.04
C LYS A 88 4.15 -12.74 -7.33
N THR A 89 4.37 -14.05 -7.36
CA THR A 89 3.30 -15.00 -7.59
C THR A 89 3.09 -15.87 -6.36
N LEU A 90 1.93 -16.49 -6.31
CA LEU A 90 1.74 -17.72 -5.54
C LEU A 90 1.67 -18.88 -6.54
N LYS A 91 2.02 -20.06 -6.08
CA LYS A 91 1.81 -21.27 -6.87
C LYS A 91 1.04 -22.28 -6.06
N ILE A 92 0.09 -22.95 -6.72
CA ILE A 92 -0.64 -24.09 -6.17
C ILE A 92 0.02 -25.36 -6.68
N TRP A 93 0.30 -26.28 -5.78
CA TRP A 93 1.05 -27.48 -6.12
C TRP A 93 0.25 -28.72 -5.75
N ASP A 94 0.33 -29.75 -6.60
CA ASP A 94 -0.11 -31.09 -6.26
C ASP A 94 1.04 -31.79 -5.56
N VAL A 95 0.86 -32.11 -4.29
CA VAL A 95 1.98 -32.64 -3.51
C VAL A 95 2.42 -33.99 -4.04
N SER A 96 1.48 -34.85 -4.42
N SER A 96 1.47 -34.84 -4.41
CA SER A 96 1.85 -36.19 -4.84
CA SER A 96 1.79 -36.18 -4.87
C SER A 96 2.66 -36.17 -6.13
C SER A 96 2.66 -36.15 -6.12
N SER A 97 2.29 -35.31 -7.09
CA SER A 97 3.03 -35.25 -8.35
C SER A 97 4.16 -34.22 -8.35
N GLY A 98 4.16 -33.28 -7.39
CA GLY A 98 5.10 -32.18 -7.41
C GLY A 98 4.82 -31.10 -8.43
N LYS A 99 3.74 -31.18 -9.17
CA LYS A 99 3.50 -30.28 -10.28
C LYS A 99 2.81 -29.01 -9.84
N CYS A 100 3.20 -27.91 -10.48
CA CYS A 100 2.49 -26.65 -10.33
C CYS A 100 1.19 -26.69 -11.11
N LEU A 101 0.07 -26.61 -10.39
CA LEU A 101 -1.25 -26.64 -11.02
C LEU A 101 -1.65 -25.27 -11.53
N LYS A 102 -1.35 -24.21 -10.76
CA LYS A 102 -1.73 -22.86 -11.11
C LYS A 102 -0.67 -21.89 -10.59
N THR A 103 -0.44 -20.82 -11.32
CA THR A 103 0.34 -19.67 -10.85
C THR A 103 -0.60 -18.49 -10.69
N LEU A 104 -0.66 -17.94 -9.47
CA LEU A 104 -1.58 -16.88 -9.13
C LEU A 104 -0.87 -15.54 -9.30
N LYS A 105 -1.28 -14.78 -10.32
CA LYS A 105 -0.62 -13.56 -10.72
C LYS A 105 -1.53 -12.37 -10.46
N GLY A 106 -0.94 -11.30 -9.94
CA GLY A 106 -1.70 -10.09 -9.66
C GLY A 106 -1.01 -9.18 -8.68
N HIS A 107 -0.34 -9.72 -7.68
CA HIS A 107 0.40 -8.85 -6.77
C HIS A 107 1.52 -8.12 -7.54
N SER A 108 1.82 -6.91 -7.08
CA SER A 108 2.81 -6.06 -7.72
C SER A 108 4.12 -5.98 -6.94
N ASN A 109 4.29 -6.82 -5.91
CA ASN A 109 5.53 -6.88 -5.13
C ASN A 109 5.53 -8.28 -4.50
N TYR A 110 6.54 -8.54 -3.68
CA TYR A 110 6.71 -9.85 -3.12
C TYR A 110 5.43 -10.35 -2.44
N VAL A 111 5.10 -11.62 -2.62
CA VAL A 111 4.02 -12.23 -1.86
C VAL A 111 4.65 -12.84 -0.62
N PHE A 112 4.11 -12.53 0.54
CA PHE A 112 4.77 -12.81 1.80
C PHE A 112 4.07 -13.86 2.65
N CYS A 113 2.75 -13.95 2.56
CA CYS A 113 1.96 -14.80 3.44
C CYS A 113 0.80 -15.39 2.67
N CYS A 114 0.39 -16.59 3.06
CA CYS A 114 -0.71 -17.27 2.38
C CYS A 114 -1.37 -18.33 3.24
N ASN A 115 -2.62 -18.66 2.88
CA ASN A 115 -3.36 -19.70 3.58
C ASN A 115 -4.56 -20.10 2.74
N PHE A 116 -4.94 -21.38 2.86
CA PHE A 116 -6.21 -21.85 2.32
C PHE A 116 -7.31 -21.60 3.36
N ASN A 117 -8.55 -21.50 2.90
CA ASN A 117 -9.69 -21.57 3.83
C ASN A 117 -10.01 -23.03 4.16
N PRO A 118 -10.87 -23.27 5.16
CA PRO A 118 -11.16 -24.65 5.56
C PRO A 118 -11.74 -25.50 4.44
N GLN A 119 -12.67 -24.94 3.66
N GLN A 119 -12.66 -24.95 3.66
CA GLN A 119 -13.18 -25.64 2.50
CA GLN A 119 -13.16 -25.70 2.51
C GLN A 119 -12.07 -25.92 1.49
C GLN A 119 -12.08 -25.91 1.47
N SER A 120 -11.10 -25.00 1.43
CA SER A 120 -9.96 -25.05 0.52
C SER A 120 -10.33 -24.75 -0.91
N ASN A 121 -11.47 -24.09 -1.13
CA ASN A 121 -11.80 -23.49 -2.42
C ASN A 121 -11.17 -22.13 -2.61
N LEU A 122 -10.67 -21.53 -1.53
CA LEU A 122 -10.08 -20.21 -1.60
C LEU A 122 -8.70 -20.20 -1.01
N ILE A 123 -7.87 -19.27 -1.52
CA ILE A 123 -6.59 -18.91 -0.92
C ILE A 123 -6.59 -17.42 -0.64
N VAL A 124 -6.04 -17.05 0.51
CA VAL A 124 -5.78 -15.64 0.84
C VAL A 124 -4.28 -15.41 0.84
N SER A 125 -3.87 -14.24 0.35
CA SER A 125 -2.46 -13.83 0.29
C SER A 125 -2.28 -12.41 0.77
N GLY A 126 -1.09 -12.13 1.28
CA GLY A 126 -0.70 -10.78 1.62
C GLY A 126 0.66 -10.48 1.03
N SER A 127 0.88 -9.22 0.71
CA SER A 127 2.03 -8.81 -0.08
C SER A 127 2.67 -7.53 0.41
N PHE A 128 3.93 -7.37 0.00
CA PHE A 128 4.63 -6.09 0.16
C PHE A 128 3.90 -4.97 -0.56
N ASP A 129 3.02 -5.29 -1.53
CA ASP A 129 2.22 -4.27 -2.23
C ASP A 129 1.10 -3.72 -1.38
N GLU A 130 0.97 -4.14 -0.11
CA GLU A 130 0.07 -3.58 0.89
C GLU A 130 -1.34 -4.12 0.73
N SER A 131 -1.57 -5.05 -0.19
CA SER A 131 -2.89 -5.59 -0.43
C SER A 131 -3.00 -7.02 0.11
N VAL A 132 -4.26 -7.44 0.34
CA VAL A 132 -4.65 -8.82 0.58
C VAL A 132 -5.49 -9.23 -0.62
N ARG A 133 -5.21 -10.41 -1.16
N ARG A 133 -5.20 -10.40 -1.17
CA ARG A 133 -5.97 -10.92 -2.29
CA ARG A 133 -5.96 -10.93 -2.29
C ARG A 133 -6.59 -12.27 -1.92
C ARG A 133 -6.60 -12.26 -1.91
N ILE A 134 -7.79 -12.50 -2.46
CA ILE A 134 -8.55 -13.74 -2.28
C ILE A 134 -8.66 -14.37 -3.65
N TRP A 135 -8.25 -15.63 -3.75
CA TRP A 135 -8.12 -16.31 -5.02
C TRP A 135 -8.99 -17.57 -5.05
N ASP A 136 -9.47 -17.87 -6.25
CA ASP A 136 -10.21 -19.09 -6.50
C ASP A 136 -9.22 -20.21 -6.84
N VAL A 137 -9.22 -21.27 -6.02
CA VAL A 137 -8.27 -22.35 -6.24
C VAL A 137 -8.48 -23.03 -7.58
N LYS A 138 -9.72 -23.29 -7.96
CA LYS A 138 -9.99 -24.05 -9.16
C LYS A 138 -9.58 -23.29 -10.43
N THR A 139 -9.94 -22.01 -10.53
CA THR A 139 -9.60 -21.27 -11.74
C THR A 139 -8.23 -20.62 -11.67
N GLY A 140 -7.70 -20.42 -10.46
CA GLY A 140 -6.45 -19.70 -10.32
C GLY A 140 -6.56 -18.21 -10.51
N LYS A 141 -7.77 -17.67 -10.51
CA LYS A 141 -7.99 -16.24 -10.74
C LYS A 141 -8.25 -15.52 -9.42
N CYS A 142 -7.88 -14.26 -9.39
CA CYS A 142 -8.12 -13.45 -8.21
C CYS A 142 -9.58 -13.04 -8.17
N LEU A 143 -10.24 -13.30 -7.03
CA LEU A 143 -11.63 -12.91 -6.86
C LEU A 143 -11.78 -11.52 -6.29
N LYS A 144 -10.92 -11.16 -5.34
CA LYS A 144 -11.00 -9.83 -4.75
C LYS A 144 -9.61 -9.36 -4.37
N THR A 145 -9.41 -8.05 -4.47
CA THR A 145 -8.22 -7.37 -3.99
C THR A 145 -8.67 -6.40 -2.92
N LEU A 146 -8.17 -6.55 -1.71
CA LEU A 146 -8.55 -5.71 -0.58
C LEU A 146 -7.44 -4.73 -0.32
N PRO A 147 -7.76 -3.43 -0.30
CA PRO A 147 -6.74 -2.40 -0.01
C PRO A 147 -6.50 -2.36 1.49
N ALA A 148 -5.83 -3.40 1.97
CA ALA A 148 -5.96 -3.77 3.37
C ALA A 148 -5.12 -2.92 4.31
N HIS A 149 -3.94 -2.48 3.88
CA HIS A 149 -2.95 -1.89 4.77
C HIS A 149 -2.20 -0.81 4.01
N SER A 150 -1.33 -0.12 4.76
CA SER A 150 -0.53 0.99 4.23
C SER A 150 0.98 0.69 4.31
N ASP A 151 1.32 -0.57 4.45
CA ASP A 151 2.69 -1.06 4.49
C ASP A 151 2.62 -2.56 4.25
N PRO A 152 3.76 -3.24 4.13
CA PRO A 152 3.71 -4.68 3.84
C PRO A 152 2.82 -5.48 4.80
N VAL A 153 2.10 -6.43 4.23
CA VAL A 153 1.21 -7.33 4.96
C VAL A 153 2.01 -8.52 5.48
N SER A 154 2.07 -8.66 6.79
CA SER A 154 2.90 -9.67 7.42
C SER A 154 2.23 -11.02 7.61
N ALA A 155 0.89 -11.10 7.65
CA ALA A 155 0.20 -12.36 7.85
C ALA A 155 -1.24 -12.23 7.43
N VAL A 156 -1.81 -13.37 7.02
CA VAL A 156 -3.21 -13.52 6.67
C VAL A 156 -3.66 -14.90 7.14
N HIS A 157 -4.88 -15.01 7.68
CA HIS A 157 -5.37 -16.27 8.22
C HIS A 157 -6.89 -16.28 8.19
N PHE A 158 -7.46 -17.39 7.77
CA PHE A 158 -8.90 -17.60 7.87
C PHE A 158 -9.27 -18.14 9.24
N ASN A 159 -10.47 -17.78 9.71
CA ASN A 159 -11.00 -18.40 10.91
C ASN A 159 -11.54 -19.81 10.62
N ARG A 160 -12.19 -20.39 11.65
CA ARG A 160 -12.47 -21.82 11.65
C ARG A 160 -13.36 -22.27 10.51
N ASP A 161 -14.28 -21.42 10.08
CA ASP A 161 -15.18 -21.77 8.99
C ASP A 161 -14.90 -20.97 7.72
N GLY A 162 -13.87 -20.13 7.73
CA GLY A 162 -13.51 -19.36 6.57
C GLY A 162 -14.32 -18.11 6.35
N SER A 163 -15.22 -17.77 7.27
CA SER A 163 -16.06 -16.60 7.08
C SER A 163 -15.32 -15.28 7.31
N LEU A 164 -14.22 -15.31 8.07
CA LEU A 164 -13.43 -14.13 8.35
C LEU A 164 -11.98 -14.38 7.94
N ILE A 165 -11.31 -13.29 7.60
CA ILE A 165 -9.86 -13.24 7.41
C ILE A 165 -9.30 -12.22 8.40
N VAL A 166 -8.21 -12.55 9.05
CA VAL A 166 -7.45 -11.58 9.83
C VAL A 166 -6.15 -11.28 9.08
N SER A 167 -5.78 -10.01 9.04
CA SER A 167 -4.53 -9.58 8.43
C SER A 167 -3.77 -8.68 9.39
N SER A 168 -2.46 -8.62 9.18
CA SER A 168 -1.60 -7.76 9.98
C SER A 168 -0.57 -7.09 9.08
N SER A 169 0.00 -6.00 9.56
CA SER A 169 0.95 -5.24 8.76
C SER A 169 1.94 -4.44 9.60
N TYR A 170 3.06 -4.18 8.96
CA TYR A 170 4.03 -3.20 9.47
C TYR A 170 3.40 -1.85 9.76
N ASP A 171 2.23 -1.54 9.18
CA ASP A 171 1.53 -0.30 9.50
C ASP A 171 1.02 -0.22 10.92
N GLY A 172 1.13 -1.31 11.70
CA GLY A 172 0.74 -1.29 13.08
C GLY A 172 -0.67 -1.78 13.33
N LEU A 173 -1.38 -2.20 12.29
CA LEU A 173 -2.77 -2.58 12.42
C LEU A 173 -2.99 -4.07 12.24
N CYS A 174 -4.01 -4.57 12.92
N CYS A 174 -4.01 -4.56 12.93
CA CYS A 174 -4.60 -5.87 12.67
CA CYS A 174 -4.64 -5.83 12.69
C CYS A 174 -6.05 -5.62 12.26
C CYS A 174 -6.06 -5.56 12.21
N ARG A 175 -6.47 -6.17 11.12
CA ARG A 175 -7.81 -5.96 10.58
C ARG A 175 -8.49 -7.30 10.34
N ILE A 176 -9.79 -7.31 10.52
CA ILE A 176 -10.61 -8.49 10.30
C ILE A 176 -11.59 -8.19 9.16
N TRP A 177 -11.68 -9.09 8.20
CA TRP A 177 -12.38 -8.91 6.96
C TRP A 177 -13.46 -9.97 6.82
N ASP A 178 -14.63 -9.58 6.30
CA ASP A 178 -15.67 -10.51 5.90
C ASP A 178 -15.26 -11.13 4.57
N THR A 179 -15.05 -12.46 4.55
CA THR A 179 -14.55 -13.10 3.34
C THR A 179 -15.48 -12.88 2.16
N ALA A 180 -16.79 -13.05 2.36
CA ALA A 180 -17.71 -13.07 1.24
C ALA A 180 -17.79 -11.73 0.53
N SER A 181 -17.69 -10.64 1.28
CA SER A 181 -17.83 -9.31 0.71
C SER A 181 -16.51 -8.55 0.58
N GLY A 182 -15.47 -8.94 1.31
CA GLY A 182 -14.24 -8.19 1.34
C GLY A 182 -14.25 -6.97 2.23
N GLN A 183 -15.33 -6.75 2.95
CA GLN A 183 -15.47 -5.55 3.76
C GLN A 183 -14.76 -5.71 5.10
N CYS A 184 -14.16 -4.62 5.58
CA CYS A 184 -13.47 -4.63 6.86
C CYS A 184 -14.50 -4.55 7.98
N LEU A 185 -14.48 -5.54 8.87
CA LEU A 185 -15.40 -5.58 10.01
C LEU A 185 -14.82 -4.90 11.25
N LYS A 186 -13.50 -4.86 11.39
CA LYS A 186 -12.90 -4.37 12.62
C LYS A 186 -11.41 -4.11 12.42
N THR A 187 -10.93 -3.04 13.05
CA THR A 187 -9.51 -2.75 13.19
C THR A 187 -9.21 -2.75 14.68
N LEU A 188 -8.28 -3.59 15.12
CA LEU A 188 -7.98 -3.68 16.55
C LEU A 188 -7.25 -2.43 17.06
N ASN A 193 1.40 1.79 18.22
CA ASN A 193 1.19 1.07 16.97
C ASN A 193 2.51 0.54 16.39
N PRO A 194 3.21 -0.29 17.16
CA PRO A 194 4.40 -0.96 16.62
C PRO A 194 4.01 -1.88 15.49
N PRO A 195 4.93 -2.15 14.57
CA PRO A 195 4.60 -3.11 13.48
C PRO A 195 4.02 -4.41 14.02
N VAL A 196 2.91 -4.84 13.42
CA VAL A 196 2.33 -6.13 13.73
C VAL A 196 2.93 -7.14 12.76
N SER A 197 3.69 -8.08 13.31
CA SER A 197 4.49 -9.00 12.50
C SER A 197 3.87 -10.37 12.30
N PHE A 198 2.78 -10.69 12.98
CA PHE A 198 2.14 -11.97 12.77
C PHE A 198 0.77 -11.91 13.43
N VAL A 199 -0.21 -12.58 12.82
CA VAL A 199 -1.52 -12.78 13.44
C VAL A 199 -2.07 -14.14 13.04
N LYS A 200 -2.94 -14.69 13.89
CA LYS A 200 -3.59 -15.97 13.64
C LYS A 200 -4.79 -16.08 14.56
N PHE A 201 -5.90 -16.60 14.03
CA PHE A 201 -7.03 -16.93 14.89
C PHE A 201 -6.71 -18.13 15.76
N SER A 202 -7.32 -18.16 16.95
CA SER A 202 -7.35 -19.36 17.77
C SER A 202 -8.17 -20.45 17.08
N PRO A 203 -7.98 -21.72 17.47
CA PRO A 203 -8.74 -22.81 16.83
C PRO A 203 -10.24 -22.60 16.84
N ASN A 204 -10.80 -21.99 17.87
CA ASN A 204 -12.24 -21.79 17.91
C ASN A 204 -12.70 -20.49 17.26
N GLY A 205 -11.77 -19.67 16.75
CA GLY A 205 -12.12 -18.44 16.07
C GLY A 205 -12.46 -17.27 16.96
N LYS A 206 -12.44 -17.44 18.28
CA LYS A 206 -12.86 -16.37 19.17
C LYS A 206 -11.74 -15.41 19.48
N TYR A 207 -10.49 -15.85 19.39
CA TYR A 207 -9.36 -15.03 19.79
C TYR A 207 -8.40 -14.88 18.62
N ILE A 208 -7.58 -13.84 18.70
CA ILE A 208 -6.54 -13.57 17.72
C ILE A 208 -5.23 -13.42 18.47
N LEU A 209 -4.22 -14.16 18.07
CA LEU A 209 -2.87 -14.02 18.58
C LEU A 209 -2.11 -13.10 17.64
N ALA A 210 -1.51 -12.05 18.19
CA ALA A 210 -0.84 -11.03 17.41
C ALA A 210 0.54 -10.75 17.97
N ALA A 211 1.55 -10.78 17.10
CA ALA A 211 2.92 -10.45 17.48
C ALA A 211 3.22 -9.03 17.03
N THR A 212 3.96 -8.29 17.85
CA THR A 212 4.42 -6.96 17.49
C THR A 212 5.92 -6.92 17.66
N LEU A 213 6.56 -6.02 16.91
CA LEU A 213 8.03 -5.94 16.91
C LEU A 213 8.59 -5.16 18.09
N ASP A 214 7.98 -5.29 19.25
CA ASP A 214 8.48 -4.82 20.53
C ASP A 214 8.57 -5.98 21.53
N ASN A 215 8.91 -7.17 21.03
CA ASN A 215 9.13 -8.33 21.88
C ASN A 215 7.88 -8.75 22.63
N THR A 216 6.72 -8.68 21.99
CA THR A 216 5.46 -8.91 22.68
C THR A 216 4.51 -9.69 21.78
N LEU A 217 3.86 -10.69 22.36
CA LEU A 217 2.71 -11.35 21.75
C LEU A 217 1.49 -11.00 22.59
N LYS A 218 0.34 -10.88 21.94
CA LYS A 218 -0.89 -10.58 22.65
C LYS A 218 -2.02 -11.45 22.15
N LEU A 219 -2.90 -11.84 23.07
CA LEU A 219 -4.12 -12.59 22.75
C LEU A 219 -5.30 -11.64 22.88
N TRP A 220 -6.01 -11.42 21.77
CA TRP A 220 -7.12 -10.50 21.69
C TRP A 220 -8.44 -11.27 21.62
N ASP A 221 -9.46 -10.72 22.28
CA ASP A 221 -10.84 -11.21 22.11
C ASP A 221 -11.42 -10.50 20.89
N TYR A 222 -11.71 -11.27 19.83
CA TYR A 222 -12.21 -10.64 18.61
C TYR A 222 -13.53 -9.91 18.85
N SER A 223 -14.51 -10.60 19.49
CA SER A 223 -15.82 -9.99 19.68
C SER A 223 -15.75 -8.70 20.50
N LYS A 224 -14.93 -8.69 21.56
CA LYS A 224 -14.79 -7.52 22.42
C LYS A 224 -13.72 -6.54 21.93
N GLY A 225 -12.92 -6.91 20.94
CA GLY A 225 -11.81 -6.05 20.53
C GLY A 225 -10.89 -5.66 21.66
N LYS A 226 -10.63 -6.58 22.60
CA LYS A 226 -9.91 -6.30 23.83
C LYS A 226 -8.75 -7.27 24.02
N CYS A 227 -7.63 -6.78 24.54
CA CYS A 227 -6.48 -7.64 24.82
C CYS A 227 -6.69 -8.40 26.12
N LEU A 228 -6.57 -9.73 26.06
CA LEU A 228 -6.77 -10.59 27.21
C LEU A 228 -5.48 -11.06 27.86
N LYS A 229 -4.41 -11.27 27.08
CA LYS A 229 -3.18 -11.82 27.61
C LYS A 229 -2.02 -11.21 26.84
N THR A 230 -0.88 -11.08 27.52
CA THR A 230 0.37 -10.62 26.93
C THR A 230 1.45 -11.63 27.26
N TYR A 231 2.27 -12.00 26.27
CA TYR A 231 3.36 -12.96 26.46
C TYR A 231 4.66 -12.27 26.10
N THR A 232 5.62 -12.32 27.01
CA THR A 232 6.88 -11.59 26.87
C THR A 232 8.03 -12.47 27.31
N GLY A 233 9.25 -11.96 27.17
CA GLY A 233 10.47 -12.64 27.53
C GLY A 233 11.28 -13.10 26.35
N HIS A 234 10.68 -13.18 25.17
CA HIS A 234 11.40 -13.57 23.98
C HIS A 234 11.93 -12.33 23.28
N LYS A 235 12.62 -12.53 22.16
CA LYS A 235 13.20 -11.44 21.40
C LYS A 235 12.54 -11.40 20.03
N ASN A 236 11.89 -10.29 19.71
CA ASN A 236 11.27 -10.13 18.39
C ASN A 236 11.16 -8.63 18.08
N GLU A 237 12.17 -8.13 17.39
CA GLU A 237 12.23 -6.73 17.01
C GLU A 237 12.37 -6.53 15.50
N LYS A 238 12.53 -7.59 14.72
CA LYS A 238 12.80 -7.47 13.29
C LYS A 238 11.98 -8.37 12.40
N TYR A 239 11.80 -9.64 12.74
CA TYR A 239 11.27 -10.63 11.82
C TYR A 239 9.81 -10.96 12.10
N CYS A 240 9.13 -11.42 11.04
CA CYS A 240 7.75 -11.89 11.12
C CYS A 240 7.83 -13.38 11.43
N ILE A 241 7.79 -13.68 12.71
CA ILE A 241 7.97 -15.01 13.26
C ILE A 241 6.61 -15.65 13.46
N PHE A 242 6.47 -16.88 12.97
CA PHE A 242 5.21 -17.60 13.15
C PHE A 242 5.03 -18.05 14.61
N ALA A 243 3.82 -17.86 15.14
CA ALA A 243 3.45 -18.28 16.48
C ALA A 243 2.22 -19.17 16.37
N ASN A 244 1.94 -19.90 17.44
CA ASN A 244 0.94 -20.96 17.37
C ASN A 244 0.24 -21.17 18.70
N PHE A 245 -0.98 -21.70 18.58
CA PHE A 245 -1.69 -22.30 19.69
C PHE A 245 -1.42 -23.80 19.70
N SER A 246 -0.78 -24.31 20.75
CA SER A 246 -0.60 -25.75 20.91
C SER A 246 -1.75 -26.29 21.74
N VAL A 247 -2.44 -27.31 21.22
CA VAL A 247 -3.69 -27.78 21.82
C VAL A 247 -3.74 -29.29 22.01
N THR A 248 -2.72 -30.04 21.64
CA THR A 248 -2.77 -31.49 21.70
C THR A 248 -2.52 -32.01 23.10
N GLY A 249 -1.82 -31.26 23.92
CA GLY A 249 -1.59 -31.63 25.31
C GLY A 249 -1.97 -30.44 26.16
N GLY A 250 -1.03 -29.87 26.89
CA GLY A 250 -1.31 -28.61 27.57
C GLY A 250 -1.62 -27.50 26.60
N LYS A 251 -2.32 -26.48 27.07
CA LYS A 251 -2.72 -25.36 26.21
C LYS A 251 -1.62 -24.31 26.27
N TRP A 252 -0.76 -24.29 25.24
CA TRP A 252 0.38 -23.40 25.21
C TRP A 252 0.29 -22.41 24.05
N ILE A 253 1.11 -21.36 24.14
CA ILE A 253 1.48 -20.52 23.01
C ILE A 253 2.93 -20.85 22.68
N VAL A 254 3.23 -21.01 21.38
CA VAL A 254 4.57 -21.36 20.91
C VAL A 254 5.01 -20.33 19.88
N SER A 255 6.27 -19.92 19.99
CA SER A 255 6.79 -18.98 19.01
C SER A 255 8.29 -19.18 18.87
N GLY A 256 8.81 -18.81 17.72
CA GLY A 256 10.24 -18.59 17.56
C GLY A 256 10.67 -17.27 18.21
N SER A 257 11.97 -17.01 18.10
CA SER A 257 12.58 -15.86 18.78
C SER A 257 13.91 -15.57 18.11
N GLU A 258 14.31 -14.31 18.20
CA GLU A 258 15.54 -13.81 17.60
C GLU A 258 16.78 -14.14 18.42
N ASP A 259 16.62 -14.74 19.60
CA ASP A 259 17.74 -15.27 20.36
C ASP A 259 17.97 -16.75 20.09
N ASN A 260 17.42 -17.26 19.00
CA ASN A 260 17.67 -18.62 18.50
C ASN A 260 16.96 -19.71 19.29
N LEU A 261 15.94 -19.37 20.06
CA LEU A 261 15.21 -20.32 20.89
C LEU A 261 13.76 -20.41 20.45
N VAL A 262 13.16 -21.57 20.75
CA VAL A 262 11.70 -21.71 20.72
C VAL A 262 11.19 -21.40 22.12
N TYR A 263 10.21 -20.51 22.22
CA TYR A 263 9.59 -20.20 23.49
C TYR A 263 8.22 -20.86 23.56
N ILE A 264 7.88 -21.38 24.75
CA ILE A 264 6.57 -21.95 25.01
C ILE A 264 6.02 -21.32 26.28
N TRP A 265 4.82 -20.78 26.21
CA TRP A 265 4.17 -20.16 27.35
C TRP A 265 2.87 -20.90 27.69
N ASN A 266 2.49 -20.85 28.96
CA ASN A 266 1.14 -21.23 29.38
C ASN A 266 0.15 -20.17 28.92
N LEU A 267 -0.83 -20.56 28.11
CA LEU A 267 -1.75 -19.61 27.51
C LEU A 267 -2.47 -18.80 28.57
N GLN A 268 -2.92 -19.46 29.65
CA GLN A 268 -3.70 -18.76 30.66
C GLN A 268 -2.85 -17.95 31.62
N THR A 269 -1.74 -18.49 32.09
CA THR A 269 -0.98 -17.81 33.13
C THR A 269 0.09 -16.87 32.57
N LYS A 270 0.47 -17.06 31.30
CA LYS A 270 1.46 -16.26 30.60
C LYS A 270 2.89 -16.59 31.01
N GLU A 271 3.09 -17.57 31.90
CA GLU A 271 4.45 -17.94 32.28
C GLU A 271 5.13 -18.70 31.13
N ILE A 272 6.42 -18.45 30.96
CA ILE A 272 7.25 -19.29 30.10
C ILE A 272 7.40 -20.66 30.76
N VAL A 273 7.09 -21.72 30.02
CA VAL A 273 7.18 -23.07 30.54
C VAL A 273 8.31 -23.87 29.94
N GLN A 274 8.83 -23.48 28.77
CA GLN A 274 9.99 -24.13 28.20
C GLN A 274 10.62 -23.23 27.16
N LYS A 275 11.94 -23.34 27.04
CA LYS A 275 12.71 -22.71 25.97
C LYS A 275 13.54 -23.80 25.32
N LEU A 276 13.39 -23.98 24.00
CA LEU A 276 14.07 -25.06 23.31
C LEU A 276 15.34 -24.55 22.63
N GLN A 277 16.47 -25.14 23.01
CA GLN A 277 17.77 -24.70 22.53
C GLN A 277 18.32 -25.67 21.49
N GLY A 278 19.01 -25.12 20.51
CA GLY A 278 19.67 -25.95 19.52
C GLY A 278 19.94 -25.24 18.22
N HIS A 279 19.01 -24.37 17.81
CA HIS A 279 19.19 -23.61 16.58
C HIS A 279 20.33 -22.60 16.75
N THR A 280 20.94 -22.25 15.63
CA THR A 280 22.09 -21.34 15.62
C THR A 280 21.79 -20.06 14.84
N ASP A 281 20.53 -19.77 14.61
CA ASP A 281 20.09 -18.50 14.02
C ASP A 281 18.64 -18.30 14.46
N VAL A 282 18.09 -17.14 14.08
CA VAL A 282 16.73 -16.79 14.42
C VAL A 282 15.80 -17.95 14.09
N VAL A 283 14.92 -18.29 15.03
CA VAL A 283 13.89 -19.29 14.79
C VAL A 283 12.73 -18.51 14.18
N ILE A 284 12.63 -18.56 12.85
CA ILE A 284 11.65 -17.77 12.10
C ILE A 284 10.28 -18.43 12.07
N SER A 285 10.22 -19.74 12.24
CA SER A 285 8.97 -20.47 12.10
C SER A 285 8.88 -21.61 13.08
N THR A 286 7.71 -21.74 13.66
CA THR A 286 7.35 -22.91 14.45
C THR A 286 5.99 -23.35 13.96
N ALA A 287 5.72 -24.64 14.13
CA ALA A 287 4.43 -25.25 13.82
C ALA A 287 4.16 -26.37 14.81
N CYS A 288 2.90 -26.55 15.14
CA CYS A 288 2.45 -27.57 16.06
C CYS A 288 1.67 -28.64 15.34
N HIS A 289 2.02 -29.89 15.61
CA HIS A 289 1.39 -31.04 14.96
C HIS A 289 -0.09 -31.09 15.30
N PRO A 290 -0.95 -31.49 14.37
CA PRO A 290 -2.39 -31.46 14.64
C PRO A 290 -2.88 -32.45 15.69
N THR A 291 -2.16 -33.55 15.94
CA THR A 291 -2.69 -34.52 16.89
C THR A 291 -1.67 -34.96 17.95
N GLU A 292 -0.39 -34.94 17.63
CA GLU A 292 0.65 -35.34 18.57
C GLU A 292 1.32 -34.11 19.16
N ASN A 293 1.98 -34.29 20.30
CA ASN A 293 2.72 -33.20 20.95
C ASN A 293 4.09 -33.11 20.30
N ILE A 294 4.07 -32.57 19.08
CA ILE A 294 5.25 -32.44 18.24
C ILE A 294 5.31 -31.00 17.74
N ILE A 295 6.47 -30.38 17.85
CA ILE A 295 6.74 -29.06 17.32
C ILE A 295 7.79 -29.21 16.23
N ALA A 296 7.61 -28.47 15.14
CA ALA A 296 8.67 -28.23 14.17
C ALA A 296 9.12 -26.77 14.27
N SER A 297 10.43 -26.57 14.19
CA SER A 297 10.98 -25.22 14.22
C SER A 297 11.99 -25.10 13.09
N ALA A 298 12.21 -23.87 12.62
CA ALA A 298 13.14 -23.69 11.52
C ALA A 298 13.82 -22.34 11.65
N ALA A 299 15.02 -22.25 11.09
CA ALA A 299 15.88 -21.10 11.34
C ALA A 299 16.46 -20.48 10.07
N LEU A 300 16.99 -19.27 10.27
CA LEU A 300 17.55 -18.43 9.20
C LEU A 300 18.92 -18.95 8.76
N GLU A 301 19.61 -18.16 7.94
CA GLU A 301 20.61 -18.73 7.03
C GLU A 301 21.92 -19.15 7.71
N ASN A 302 22.20 -18.74 8.94
CA ASN A 302 23.35 -19.31 9.62
C ASN A 302 23.12 -20.75 10.07
N ASP A 303 21.87 -21.22 10.04
CA ASP A 303 21.47 -22.54 10.51
C ASP A 303 20.89 -23.36 9.36
N LYS A 304 19.82 -22.89 8.74
CA LYS A 304 19.19 -23.50 7.57
C LYS A 304 18.53 -24.86 7.84
N THR A 305 18.37 -25.25 9.10
CA THR A 305 17.80 -26.54 9.41
C THR A 305 16.42 -26.38 10.03
N ILE A 306 15.70 -27.50 10.02
CA ILE A 306 14.41 -27.68 10.65
C ILE A 306 14.63 -28.69 11.76
N LYS A 307 14.04 -28.47 12.93
CA LYS A 307 14.14 -29.43 14.03
C LYS A 307 12.75 -29.90 14.41
N LEU A 308 12.64 -31.19 14.70
CA LEU A 308 11.41 -31.80 15.19
C LEU A 308 11.61 -32.19 16.65
N TRP A 309 10.66 -31.81 17.50
CA TRP A 309 10.74 -31.99 18.94
C TRP A 309 9.48 -32.71 19.38
N LYS A 310 9.59 -33.50 20.45
CA LYS A 310 8.46 -34.25 20.98
C LYS A 310 8.39 -34.13 22.50
N SER A 311 7.17 -33.99 23.00
CA SER A 311 6.87 -33.87 24.41
C SER A 311 5.86 -34.93 24.82
N ASP A 312 5.85 -35.27 26.11
CA ASP A 312 4.82 -36.17 26.61
C ASP A 312 3.55 -35.45 27.02
N CYS A 313 3.54 -34.12 27.03
CA CYS A 313 2.33 -33.37 27.32
C CYS A 313 2.33 -32.01 26.66
N LYS B 11 7.46 23.29 -32.04
CA LYS B 11 7.56 22.18 -31.09
C LYS B 11 8.62 22.46 -30.03
N PRO B 12 8.36 22.07 -28.78
CA PRO B 12 9.36 22.23 -27.73
C PRO B 12 10.43 21.14 -27.84
N ASN B 13 11.52 21.33 -27.10
CA ASN B 13 12.60 20.36 -27.09
C ASN B 13 13.04 20.06 -25.67
N TYR B 14 12.07 19.77 -24.80
CA TYR B 14 12.37 19.41 -23.43
C TYR B 14 13.39 18.28 -23.39
N ALA B 15 14.43 18.47 -22.60
CA ALA B 15 15.47 17.47 -22.41
C ALA B 15 15.77 17.34 -20.93
N LEU B 16 16.17 16.14 -20.53
CA LEU B 16 16.38 15.84 -19.13
C LEU B 16 17.57 16.61 -18.58
N LYS B 17 17.38 17.25 -17.42
CA LYS B 17 18.45 17.93 -16.73
C LYS B 17 18.82 17.32 -15.39
N PHE B 18 17.85 16.76 -14.64
CA PHE B 18 18.14 16.16 -13.36
C PHE B 18 17.12 15.09 -13.03
N THR B 19 17.54 14.08 -12.27
CA THR B 19 16.65 13.09 -11.69
C THR B 19 16.83 13.15 -10.17
N LEU B 20 15.72 13.33 -9.46
CA LEU B 20 15.73 13.58 -8.02
C LEU B 20 15.22 12.34 -7.28
N ALA B 21 16.08 11.75 -6.47
CA ALA B 21 15.77 10.53 -5.77
C ALA B 21 15.77 10.78 -4.28
N GLY B 22 14.88 10.08 -3.58
CA GLY B 22 14.85 10.17 -2.15
C GLY B 22 13.55 9.69 -1.52
N HIS B 23 12.44 9.84 -2.23
CA HIS B 23 11.21 9.25 -1.71
C HIS B 23 11.32 7.73 -1.71
N THR B 24 10.68 7.10 -0.72
CA THR B 24 10.80 5.66 -0.53
C THR B 24 9.55 4.90 -0.93
N LYS B 25 8.48 5.59 -1.34
CA LYS B 25 7.31 5.01 -1.97
C LYS B 25 6.95 5.90 -3.18
N ALA B 26 5.87 5.56 -3.86
CA ALA B 26 5.40 6.36 -4.98
C ALA B 26 5.36 7.86 -4.64
N VAL B 27 5.79 8.69 -5.59
CA VAL B 27 5.51 10.12 -5.51
C VAL B 27 4.05 10.32 -5.88
N SER B 28 3.42 11.35 -5.30
N SER B 28 3.44 11.36 -5.31
CA SER B 28 2.03 11.65 -5.62
CA SER B 28 2.05 11.68 -5.55
C SER B 28 1.84 12.98 -6.33
C SER B 28 1.84 12.98 -6.32
N SER B 29 2.62 14.03 -6.01
CA SER B 29 2.39 15.36 -6.53
C SER B 29 3.67 16.18 -6.41
N VAL B 30 4.00 16.90 -7.48
CA VAL B 30 5.08 17.88 -7.46
C VAL B 30 4.50 19.23 -7.85
N LYS B 31 5.03 20.29 -7.25
CA LYS B 31 4.57 21.65 -7.51
C LYS B 31 5.73 22.63 -7.36
N PHE B 32 5.88 23.56 -8.31
CA PHE B 32 6.87 24.62 -8.20
C PHE B 32 6.33 25.75 -7.33
N SER B 33 7.21 26.33 -6.49
CA SER B 33 6.81 27.49 -5.73
C SER B 33 6.55 28.68 -6.66
N PRO B 34 5.60 29.55 -6.31
CA PRO B 34 5.31 30.69 -7.19
C PRO B 34 6.50 31.59 -7.45
N ASN B 35 7.45 31.64 -6.54
CA ASN B 35 8.64 32.47 -6.77
C ASN B 35 9.68 31.76 -7.60
N GLY B 36 9.41 30.54 -8.07
CA GLY B 36 10.30 29.85 -8.96
C GLY B 36 11.48 29.16 -8.30
N GLU B 37 11.66 29.32 -6.99
N GLU B 37 11.67 29.32 -6.99
CA GLU B 37 12.89 28.87 -6.36
CA GLU B 37 12.89 28.88 -6.33
C GLU B 37 12.89 27.39 -6.03
C GLU B 37 12.90 27.38 -6.03
N TRP B 38 11.74 26.80 -5.74
CA TRP B 38 11.66 25.46 -5.18
C TRP B 38 10.68 24.58 -5.94
N LEU B 39 10.96 23.28 -5.87
CA LEU B 39 9.97 22.23 -6.15
C LEU B 39 9.63 21.53 -4.85
N ALA B 40 8.33 21.37 -4.58
CA ALA B 40 7.87 20.53 -3.48
C ALA B 40 7.30 19.25 -4.04
N SER B 41 7.62 18.14 -3.40
CA SER B 41 7.07 16.84 -3.74
C SER B 41 6.41 16.23 -2.52
N SER B 42 5.32 15.50 -2.76
CA SER B 42 4.64 14.73 -1.74
C SER B 42 4.60 13.27 -2.17
N SER B 43 4.46 12.38 -1.18
CA SER B 43 4.59 10.95 -1.43
C SER B 43 3.72 10.10 -0.52
N ALA B 44 3.47 8.88 -1.00
CA ALA B 44 2.89 7.84 -0.17
C ALA B 44 3.74 7.49 1.02
N ASP B 45 5.02 7.88 1.02
CA ASP B 45 5.91 7.66 2.15
C ASP B 45 5.67 8.63 3.31
N LYS B 46 4.62 9.46 3.26
CA LYS B 46 4.20 10.34 4.32
C LYS B 46 5.01 11.63 4.38
N LEU B 47 5.89 11.84 3.42
CA LEU B 47 6.84 12.94 3.50
C LEU B 47 6.59 13.97 2.40
N ILE B 48 6.97 15.21 2.70
CA ILE B 48 7.14 16.26 1.70
C ILE B 48 8.63 16.51 1.59
N LYS B 49 9.13 16.65 0.37
CA LYS B 49 10.52 17.05 0.18
C LYS B 49 10.58 18.32 -0.63
N ILE B 50 11.59 19.12 -0.34
CA ILE B 50 11.84 20.41 -1.00
C ILE B 50 13.15 20.31 -1.74
N TRP B 51 13.15 20.74 -3.00
CA TRP B 51 14.30 20.63 -3.89
C TRP B 51 14.50 21.97 -4.60
N GLY B 52 15.74 22.30 -4.93
CA GLY B 52 16.03 23.46 -5.74
C GLY B 52 15.45 23.33 -7.13
N ALA B 53 14.71 24.33 -7.59
CA ALA B 53 14.00 24.21 -8.84
C ALA B 53 14.92 24.22 -10.05
N TYR B 54 16.11 24.80 -9.90
CA TYR B 54 16.99 25.07 -11.02
C TYR B 54 18.11 24.06 -11.15
N ASP B 55 18.65 23.60 -10.02
CA ASP B 55 19.72 22.62 -9.99
C ASP B 55 19.33 21.31 -9.33
N GLY B 56 18.07 21.17 -8.88
CA GLY B 56 17.59 19.91 -8.36
C GLY B 56 18.13 19.51 -7.02
N LYS B 57 18.90 20.36 -6.35
CA LYS B 57 19.53 19.97 -5.11
C LYS B 57 18.51 19.78 -4.00
N PHE B 58 18.60 18.65 -3.31
CA PHE B 58 17.72 18.40 -2.18
C PHE B 58 17.94 19.45 -1.11
N GLU B 59 16.82 19.97 -0.57
CA GLU B 59 16.88 20.98 0.48
C GLU B 59 16.45 20.42 1.84
N LYS B 60 15.24 19.86 1.95
CA LYS B 60 14.79 19.41 3.26
C LYS B 60 13.62 18.46 3.11
N THR B 61 13.36 17.71 4.19
CA THR B 61 12.20 16.85 4.33
C THR B 61 11.30 17.46 5.39
N ILE B 62 10.01 17.49 5.12
CA ILE B 62 8.99 18.00 6.04
C ILE B 62 8.10 16.82 6.42
N SER B 63 7.94 16.58 7.71
N SER B 63 7.97 16.56 7.73
CA SER B 63 7.31 15.36 8.17
CA SER B 63 7.34 15.35 8.21
C SER B 63 6.30 15.66 9.27
C SER B 63 6.29 15.68 9.26
N GLY B 64 5.31 14.78 9.40
CA GLY B 64 4.33 14.89 10.45
C GLY B 64 3.03 14.18 10.15
N HIS B 65 2.68 14.02 8.88
CA HIS B 65 1.50 13.23 8.58
C HIS B 65 1.73 11.78 9.00
N LYS B 66 0.65 11.13 9.43
CA LYS B 66 0.75 9.77 9.94
C LYS B 66 0.50 8.72 8.87
N LEU B 67 -0.03 9.11 7.72
CA LEU B 67 -0.23 8.25 6.57
C LEU B 67 0.18 9.03 5.32
N GLY B 68 0.05 8.39 4.17
CA GLY B 68 0.58 8.95 2.94
C GLY B 68 -0.10 10.25 2.55
N ILE B 69 0.56 10.95 1.64
CA ILE B 69 0.12 12.27 1.17
C ILE B 69 -0.15 12.14 -0.31
N SER B 70 -1.30 12.65 -0.75
CA SER B 70 -1.71 12.58 -2.14
C SER B 70 -1.55 13.90 -2.90
N ASP B 71 -1.38 15.03 -2.22
CA ASP B 71 -1.26 16.32 -2.89
C ASP B 71 -0.60 17.31 -1.95
N VAL B 72 0.01 18.33 -2.55
CA VAL B 72 0.64 19.43 -1.85
C VAL B 72 0.44 20.68 -2.72
N ALA B 73 0.42 21.84 -2.08
CA ALA B 73 0.21 23.11 -2.80
C ALA B 73 0.84 24.25 -2.03
N TRP B 74 1.28 25.28 -2.76
CA TRP B 74 1.99 26.42 -2.23
C TRP B 74 1.08 27.63 -2.08
N SER B 75 1.36 28.44 -1.06
CA SER B 75 0.77 29.78 -1.00
C SER B 75 1.44 30.69 -2.03
N SER B 76 0.74 31.79 -2.34
CA SER B 76 1.24 32.68 -3.39
C SER B 76 2.55 33.35 -3.04
N ASP B 77 2.82 33.57 -1.77
CA ASP B 77 4.09 34.17 -1.33
C ASP B 77 5.19 33.14 -1.14
N SER B 78 4.92 31.87 -1.48
CA SER B 78 5.88 30.78 -1.43
C SER B 78 6.32 30.44 -0.02
N ASN B 79 5.66 30.94 1.01
CA ASN B 79 6.09 30.72 2.37
C ASN B 79 5.41 29.54 3.04
N LEU B 80 4.22 29.16 2.57
CA LEU B 80 3.46 28.08 3.16
C LEU B 80 3.21 26.96 2.15
N LEU B 81 3.08 25.74 2.68
CA LEU B 81 2.57 24.61 1.93
C LEU B 81 1.33 24.10 2.62
N VAL B 82 0.43 23.51 1.85
CA VAL B 82 -0.64 22.68 2.41
C VAL B 82 -0.53 21.28 1.80
N SER B 83 -0.76 20.24 2.61
CA SER B 83 -0.73 18.86 2.16
C SER B 83 -2.03 18.18 2.51
N ALA B 84 -2.40 17.21 1.68
CA ALA B 84 -3.61 16.43 1.84
C ALA B 84 -3.24 14.96 2.05
N SER B 85 -3.73 14.36 3.17
CA SER B 85 -3.26 13.03 3.59
C SER B 85 -4.36 12.02 3.79
N ASP B 86 -3.97 10.75 3.69
CA ASP B 86 -4.83 9.64 4.03
C ASP B 86 -5.13 9.61 5.51
N ASP B 87 -4.42 10.38 6.36
CA ASP B 87 -4.74 10.49 7.76
C ASP B 87 -5.99 11.35 8.03
N LYS B 88 -6.69 11.76 6.96
CA LYS B 88 -7.94 12.51 6.99
C LYS B 88 -7.74 13.98 7.32
N THR B 89 -6.50 14.45 7.35
CA THR B 89 -6.24 15.83 7.65
C THR B 89 -5.50 16.49 6.49
N LEU B 90 -5.55 17.82 6.47
CA LEU B 90 -4.56 18.63 5.79
C LEU B 90 -3.67 19.26 6.84
N LYS B 91 -2.44 19.53 6.48
CA LYS B 91 -1.55 20.29 7.33
C LYS B 91 -1.06 21.51 6.57
N ILE B 92 -0.96 22.63 7.26
CA ILE B 92 -0.34 23.84 6.74
C ILE B 92 1.05 23.93 7.34
N TRP B 93 2.06 24.13 6.50
CA TRP B 93 3.45 24.09 6.93
C TRP B 93 4.10 25.43 6.65
N ASP B 94 4.96 25.86 7.57
CA ASP B 94 5.91 26.94 7.29
C ASP B 94 7.11 26.33 6.59
N VAL B 95 7.34 26.68 5.33
CA VAL B 95 8.38 25.99 4.57
C VAL B 95 9.77 26.26 5.14
N SER B 96 10.01 27.49 5.59
CA SER B 96 11.34 27.86 6.07
C SER B 96 11.74 27.07 7.31
N SER B 97 10.81 26.91 8.26
CA SER B 97 11.10 26.17 9.48
C SER B 97 10.77 24.68 9.39
N GLY B 98 9.98 24.27 8.42
CA GLY B 98 9.48 22.92 8.35
C GLY B 98 8.40 22.58 9.34
N LYS B 99 7.92 23.55 10.11
CA LYS B 99 6.97 23.27 11.17
C LYS B 99 5.53 23.23 10.65
N CYS B 100 4.73 22.34 11.24
CA CYS B 100 3.30 22.33 11.01
C CYS B 100 2.63 23.45 11.80
N LEU B 101 2.01 24.39 11.10
CA LEU B 101 1.35 25.50 11.75
C LEU B 101 -0.07 25.16 12.17
N LYS B 102 -0.77 24.37 11.36
CA LYS B 102 -2.15 24.02 11.63
C LYS B 102 -2.43 22.64 11.05
N THR B 103 -3.30 21.89 11.71
CA THR B 103 -3.85 20.66 11.17
C THR B 103 -5.34 20.87 10.95
N LEU B 104 -5.78 20.66 9.72
CA LEU B 104 -7.15 20.95 9.28
C LEU B 104 -7.93 19.65 9.38
N LYS B 105 -8.87 19.61 10.32
CA LYS B 105 -9.58 18.41 10.70
C LYS B 105 -11.06 18.60 10.38
N GLY B 106 -11.66 17.58 9.80
CA GLY B 106 -13.06 17.65 9.42
C GLY B 106 -13.47 16.61 8.42
N HIS B 107 -12.62 16.34 7.44
CA HIS B 107 -12.96 15.27 6.51
C HIS B 107 -13.05 13.93 7.25
N SER B 108 -13.89 13.05 6.72
CA SER B 108 -14.14 11.75 7.33
C SER B 108 -13.54 10.61 6.53
N ASN B 109 -12.70 10.90 5.56
CA ASN B 109 -11.99 9.89 4.78
C ASN B 109 -10.75 10.59 4.24
N TYR B 110 -9.98 9.87 3.44
CA TYR B 110 -8.72 10.39 2.94
C TYR B 110 -8.92 11.76 2.28
N VAL B 111 -8.00 12.68 2.51
CA VAL B 111 -7.99 13.94 1.77
C VAL B 111 -7.08 13.75 0.57
N PHE B 112 -7.59 14.06 -0.62
CA PHE B 112 -6.94 13.66 -1.87
C PHE B 112 -6.33 14.82 -2.64
N CYS B 113 -6.92 16.00 -2.58
CA CYS B 113 -6.55 17.15 -3.41
C CYS B 113 -6.67 18.42 -2.60
N CYS B 114 -5.82 19.38 -2.92
CA CYS B 114 -5.84 20.63 -2.17
C CYS B 114 -5.25 21.76 -2.98
N ASN B 115 -5.63 22.99 -2.63
CA ASN B 115 -5.06 24.19 -3.25
C ASN B 115 -5.35 25.40 -2.39
N PHE B 116 -4.44 26.37 -2.42
CA PHE B 116 -4.71 27.70 -1.88
C PHE B 116 -5.45 28.51 -2.94
N ASN B 117 -6.23 29.50 -2.51
CA ASN B 117 -6.67 30.53 -3.47
C ASN B 117 -5.51 31.47 -3.76
N PRO B 118 -5.61 32.30 -4.82
CA PRO B 118 -4.50 33.24 -5.10
C PRO B 118 -4.20 34.14 -3.92
N GLN B 119 -5.24 34.60 -3.24
CA GLN B 119 -5.03 35.45 -2.07
C GLN B 119 -4.30 34.71 -0.98
N SER B 120 -4.49 33.40 -0.94
CA SER B 120 -3.90 32.47 0.02
C SER B 120 -4.44 32.64 1.44
N ASN B 121 -5.60 33.25 1.57
CA ASN B 121 -6.30 33.25 2.85
C ASN B 121 -7.19 32.02 3.02
N LEU B 122 -7.48 31.32 1.93
CA LEU B 122 -8.28 30.11 1.96
C LEU B 122 -7.55 28.92 1.33
N ILE B 123 -7.92 27.73 1.79
CA ILE B 123 -7.56 26.46 1.18
C ILE B 123 -8.85 25.74 0.81
N VAL B 124 -8.84 25.11 -0.36
CA VAL B 124 -9.90 24.19 -0.77
C VAL B 124 -9.33 22.78 -0.78
N SER B 125 -10.14 21.83 -0.32
CA SER B 125 -9.76 20.43 -0.30
C SER B 125 -10.89 19.57 -0.84
N GLY B 126 -10.51 18.43 -1.41
CA GLY B 126 -11.45 17.39 -1.78
C GLY B 126 -11.04 16.04 -1.21
N SER B 127 -12.06 15.22 -0.90
CA SER B 127 -11.85 13.98 -0.17
C SER B 127 -12.63 12.81 -0.73
N PHE B 128 -12.17 11.61 -0.35
CA PHE B 128 -12.92 10.38 -0.57
C PHE B 128 -14.27 10.43 0.11
N ASP B 129 -14.45 11.32 1.10
CA ASP B 129 -15.75 11.52 1.75
C ASP B 129 -16.77 12.22 0.86
N GLU B 130 -16.40 12.60 -0.36
CA GLU B 130 -17.30 13.17 -1.40
C GLU B 130 -17.57 14.64 -1.21
N SER B 131 -16.96 15.27 -0.21
CA SER B 131 -17.14 16.68 0.02
C SER B 131 -15.95 17.49 -0.48
N VAL B 132 -16.22 18.77 -0.67
CA VAL B 132 -15.23 19.81 -0.87
C VAL B 132 -15.33 20.73 0.33
N ARG B 133 -14.21 21.01 0.98
N ARG B 133 -14.21 21.01 0.97
CA ARG B 133 -14.20 21.91 2.13
CA ARG B 133 -14.19 21.90 2.13
C ARG B 133 -13.35 23.13 1.83
C ARG B 133 -13.35 23.14 1.82
N ILE B 134 -13.76 24.26 2.40
CA ILE B 134 -13.07 25.53 2.28
C ILE B 134 -12.65 25.92 3.69
N TRP B 135 -11.37 26.18 3.87
CA TRP B 135 -10.77 26.40 5.18
C TRP B 135 -10.15 27.78 5.24
N ASP B 136 -10.20 28.36 6.43
CA ASP B 136 -9.51 29.60 6.73
C ASP B 136 -8.07 29.32 7.11
N VAL B 137 -7.11 29.87 6.36
CA VAL B 137 -5.72 29.59 6.63
C VAL B 137 -5.30 30.10 8.00
N LYS B 138 -5.74 31.31 8.36
CA LYS B 138 -5.27 31.93 9.59
C LYS B 138 -5.70 31.13 10.82
N THR B 139 -6.96 30.71 10.87
CA THR B 139 -7.48 30.02 12.04
C THR B 139 -7.37 28.52 11.93
N GLY B 140 -7.23 27.97 10.72
CA GLY B 140 -7.26 26.55 10.54
C GLY B 140 -8.63 25.91 10.64
N LYS B 141 -9.69 26.68 10.64
CA LYS B 141 -11.03 26.15 10.81
C LYS B 141 -11.73 26.03 9.46
N CYS B 142 -12.62 25.07 9.37
CA CYS B 142 -13.42 24.88 8.19
C CYS B 142 -14.50 25.96 8.13
N LEU B 143 -14.58 26.65 7.01
CA LEU B 143 -15.59 27.68 6.79
C LEU B 143 -16.85 27.12 6.15
N LYS B 144 -16.69 26.20 5.19
CA LYS B 144 -17.81 25.66 4.46
C LYS B 144 -17.50 24.22 4.08
N THR B 145 -18.52 23.37 4.11
CA THR B 145 -18.46 21.99 3.63
C THR B 145 -19.50 21.89 2.53
N LEU B 146 -19.06 21.70 1.30
CA LEU B 146 -19.91 21.60 0.13
C LEU B 146 -20.22 20.13 -0.14
N PRO B 147 -21.51 19.75 -0.25
CA PRO B 147 -21.87 18.36 -0.61
C PRO B 147 -21.68 18.17 -2.11
N ALA B 148 -20.42 18.16 -2.52
CA ALA B 148 -20.08 18.50 -3.90
C ALA B 148 -20.32 17.38 -4.88
N HIS B 149 -20.13 16.13 -4.46
CA HIS B 149 -20.13 14.99 -5.36
C HIS B 149 -20.72 13.76 -4.68
N SER B 150 -20.88 12.70 -5.45
CA SER B 150 -21.44 11.44 -4.94
C SER B 150 -20.42 10.31 -5.06
N ASP B 151 -19.15 10.65 -5.15
CA ASP B 151 -18.03 9.72 -5.22
C ASP B 151 -16.77 10.51 -4.88
N PRO B 152 -15.63 9.86 -4.74
CA PRO B 152 -14.42 10.61 -4.37
C PRO B 152 -14.12 11.80 -5.28
N VAL B 153 -13.66 12.89 -4.65
CA VAL B 153 -13.30 14.12 -5.32
C VAL B 153 -11.85 14.04 -5.79
N SER B 154 -11.65 14.10 -7.09
CA SER B 154 -10.33 13.91 -7.66
C SER B 154 -9.50 15.17 -7.78
N ALA B 155 -10.10 16.36 -7.82
CA ALA B 155 -9.34 17.59 -7.96
C ALA B 155 -10.20 18.76 -7.52
N VAL B 156 -9.53 19.80 -7.03
CA VAL B 156 -10.12 21.08 -6.67
C VAL B 156 -9.15 22.18 -7.07
N HIS B 157 -9.65 23.30 -7.63
CA HIS B 157 -8.79 24.39 -8.07
C HIS B 157 -9.56 25.70 -8.00
N PHE B 158 -8.91 26.77 -7.53
CA PHE B 158 -9.48 28.10 -7.61
C PHE B 158 -9.13 28.73 -8.95
N ASN B 159 -10.02 29.60 -9.43
CA ASN B 159 -9.70 30.38 -10.61
C ASN B 159 -8.78 31.54 -10.27
N ARG B 160 -8.48 32.36 -11.30
CA ARG B 160 -7.41 33.34 -11.27
C ARG B 160 -7.60 34.42 -10.20
N ASP B 161 -8.81 34.74 -9.84
CA ASP B 161 -9.06 35.75 -8.82
C ASP B 161 -9.65 35.17 -7.55
N GLY B 162 -9.79 33.84 -7.46
CA GLY B 162 -10.29 33.22 -6.26
C GLY B 162 -11.79 33.18 -6.13
N SER B 163 -12.54 33.78 -7.06
CA SER B 163 -13.97 33.88 -6.90
C SER B 163 -14.71 32.58 -7.21
N LEU B 164 -14.07 31.66 -7.94
CA LEU B 164 -14.67 30.40 -8.30
C LEU B 164 -13.77 29.23 -7.90
N ILE B 165 -14.38 28.07 -7.65
CA ILE B 165 -13.72 26.79 -7.46
C ILE B 165 -14.26 25.83 -8.51
N VAL B 166 -13.40 25.03 -9.10
CA VAL B 166 -13.84 23.87 -9.89
C VAL B 166 -13.46 22.60 -9.15
N SER B 167 -14.37 21.63 -9.17
CA SER B 167 -14.14 20.31 -8.57
C SER B 167 -14.49 19.24 -9.59
N SER B 168 -13.83 18.10 -9.45
CA SER B 168 -14.12 16.94 -10.28
C SER B 168 -14.22 15.69 -9.41
N SER B 169 -14.86 14.65 -9.96
CA SER B 169 -15.10 13.44 -9.18
C SER B 169 -15.25 12.23 -10.07
N TYR B 170 -14.96 11.10 -9.45
CA TYR B 170 -15.30 9.78 -10.00
C TYR B 170 -16.77 9.64 -10.34
N ASP B 171 -17.65 10.48 -9.78
CA ASP B 171 -19.07 10.46 -10.14
C ASP B 171 -19.32 10.92 -11.57
N GLY B 172 -18.30 11.41 -12.27
CA GLY B 172 -18.44 11.78 -13.67
C GLY B 172 -18.70 13.25 -13.90
N LEU B 173 -18.80 14.03 -12.84
CA LEU B 173 -19.13 15.43 -12.95
C LEU B 173 -17.96 16.36 -12.71
N CYS B 174 -18.00 17.51 -13.38
N CYS B 174 -17.99 17.51 -13.41
CA CYS B 174 -17.20 18.68 -13.06
CA CYS B 174 -17.23 18.69 -13.06
C CYS B 174 -18.17 19.76 -12.63
C CYS B 174 -18.22 19.72 -12.58
N ARG B 175 -17.90 20.38 -11.49
CA ARG B 175 -18.77 21.42 -10.96
C ARG B 175 -18.00 22.69 -10.67
N ILE B 176 -18.62 23.82 -10.95
N ILE B 176 -18.65 23.82 -10.93
CA ILE B 176 -18.05 25.14 -10.67
CA ILE B 176 -18.10 25.15 -10.68
C ILE B 176 -18.87 25.75 -9.53
C ILE B 176 -18.87 25.73 -9.52
N TRP B 177 -18.16 26.27 -8.54
CA TRP B 177 -18.75 26.80 -7.32
C TRP B 177 -18.37 28.25 -7.11
N ASP B 178 -19.32 29.04 -6.61
CA ASP B 178 -19.04 30.39 -6.15
C ASP B 178 -18.37 30.31 -4.80
N THR B 179 -17.13 30.77 -4.71
CA THR B 179 -16.40 30.65 -3.44
C THR B 179 -17.15 31.29 -2.29
N ALA B 180 -17.66 32.51 -2.48
CA ALA B 180 -18.16 33.27 -1.34
C ALA B 180 -19.40 32.64 -0.73
N SER B 181 -20.27 32.06 -1.57
CA SER B 181 -21.54 31.50 -1.12
C SER B 181 -21.55 29.98 -1.04
N GLY B 182 -20.65 29.30 -1.73
CA GLY B 182 -20.65 27.86 -1.79
C GLY B 182 -21.70 27.27 -2.70
N GLN B 183 -22.40 28.10 -3.47
CA GLN B 183 -23.44 27.58 -4.35
C GLN B 183 -22.84 27.11 -5.67
N CYS B 184 -23.44 26.05 -6.21
CA CYS B 184 -22.99 25.50 -7.48
C CYS B 184 -23.53 26.35 -8.63
N LEU B 185 -22.62 26.90 -9.43
CA LEU B 185 -22.99 27.72 -10.58
C LEU B 185 -23.14 26.91 -11.86
N LYS B 186 -22.51 25.75 -11.95
CA LYS B 186 -22.57 24.98 -13.19
C LYS B 186 -22.11 23.56 -12.94
N THR B 187 -22.78 22.61 -13.59
CA THR B 187 -22.37 21.22 -13.61
C THR B 187 -22.13 20.82 -15.06
N LEU B 188 -20.96 20.25 -15.36
CA LEU B 188 -20.66 19.73 -16.67
C LEU B 188 -20.84 18.21 -16.66
N ILE B 189 -21.62 17.70 -17.61
CA ILE B 189 -22.03 16.29 -17.62
C ILE B 189 -21.66 15.67 -18.96
N ASP B 192 -21.60 9.33 -21.38
CA ASP B 192 -21.08 8.03 -20.97
C ASP B 192 -20.55 8.08 -19.54
N ASN B 193 -20.52 9.29 -18.97
CA ASN B 193 -20.28 9.52 -17.54
C ASN B 193 -18.97 8.92 -17.03
N PRO B 194 -17.87 9.03 -17.76
CA PRO B 194 -16.63 8.43 -17.27
C PRO B 194 -16.12 9.21 -16.07
N PRO B 195 -15.44 8.54 -15.15
CA PRO B 195 -14.86 9.26 -14.00
C PRO B 195 -14.01 10.42 -14.49
N VAL B 196 -14.17 11.57 -13.84
CA VAL B 196 -13.32 12.73 -14.08
C VAL B 196 -12.19 12.68 -13.06
N SER B 197 -10.97 12.55 -13.56
CA SER B 197 -9.82 12.28 -12.72
C SER B 197 -8.96 13.51 -12.45
N PHE B 198 -9.21 14.62 -13.13
CA PHE B 198 -8.47 15.83 -12.86
C PHE B 198 -9.20 17.00 -13.50
N VAL B 199 -9.08 18.19 -12.90
CA VAL B 199 -9.62 19.42 -13.48
C VAL B 199 -8.77 20.58 -12.98
N LYS B 200 -8.67 21.61 -13.82
CA LYS B 200 -7.97 22.86 -13.53
C LYS B 200 -8.50 23.95 -14.43
N PHE B 201 -8.61 25.16 -13.88
CA PHE B 201 -8.92 26.32 -14.71
C PHE B 201 -7.72 26.68 -15.56
N SER B 202 -7.99 27.18 -16.76
CA SER B 202 -6.97 27.84 -17.55
C SER B 202 -6.52 29.13 -16.86
N PRO B 203 -5.32 29.60 -17.17
CA PRO B 203 -4.84 30.85 -16.55
C PRO B 203 -5.80 32.03 -16.72
N ASN B 204 -6.49 32.15 -17.85
CA ASN B 204 -7.40 33.26 -18.03
C ASN B 204 -8.77 33.02 -17.39
N GLY B 205 -8.99 31.83 -16.81
CA GLY B 205 -10.22 31.55 -16.11
C GLY B 205 -11.42 31.24 -16.97
N LYS B 206 -11.29 31.28 -18.29
CA LYS B 206 -12.45 31.06 -19.14
C LYS B 206 -12.67 29.59 -19.46
N TYR B 207 -11.65 28.75 -19.31
CA TYR B 207 -11.76 27.35 -19.66
C TYR B 207 -11.40 26.47 -18.47
N ILE B 208 -11.78 25.22 -18.57
N ILE B 208 -11.83 25.21 -18.52
CA ILE B 208 -11.38 24.19 -17.64
CA ILE B 208 -11.35 24.19 -17.60
C ILE B 208 -10.78 23.04 -18.44
C ILE B 208 -10.79 23.04 -18.42
N LEU B 209 -9.63 22.54 -18.00
CA LEU B 209 -9.05 21.34 -18.55
C LEU B 209 -9.48 20.18 -17.66
N ALA B 210 -10.10 19.15 -18.25
CA ALA B 210 -10.62 18.02 -17.50
C ALA B 210 -10.12 16.71 -18.10
N ALA B 211 -9.56 15.85 -17.25
CA ALA B 211 -9.16 14.51 -17.65
C ALA B 211 -10.25 13.53 -17.25
N THR B 212 -10.52 12.56 -18.12
CA THR B 212 -11.43 11.45 -17.84
C THR B 212 -10.69 10.14 -18.01
N LEU B 213 -11.15 9.12 -17.30
CA LEU B 213 -10.45 7.83 -17.29
C LEU B 213 -10.76 6.98 -18.52
N ASP B 214 -10.81 7.63 -19.68
CA ASP B 214 -10.95 7.01 -21.00
C ASP B 214 -9.87 7.56 -21.92
N ASN B 215 -8.68 7.83 -21.37
CA ASN B 215 -7.52 8.25 -22.15
C ASN B 215 -7.78 9.56 -22.88
N THR B 216 -8.49 10.49 -22.23
CA THR B 216 -8.85 11.74 -22.89
C THR B 216 -8.73 12.94 -21.96
N LEU B 217 -8.22 14.04 -22.50
CA LEU B 217 -8.26 15.35 -21.87
C LEU B 217 -9.14 16.24 -22.74
N LYS B 218 -9.91 17.12 -22.10
CA LYS B 218 -10.80 18.02 -22.82
C LYS B 218 -10.64 19.43 -22.27
N LEU B 219 -10.68 20.41 -23.16
CA LEU B 219 -10.70 21.81 -22.78
C LEU B 219 -12.13 22.31 -22.97
N TRP B 220 -12.77 22.69 -21.87
CA TRP B 220 -14.17 23.07 -21.86
C TRP B 220 -14.30 24.59 -21.75
N ASP B 221 -15.15 25.17 -22.59
CA ASP B 221 -15.53 26.56 -22.41
C ASP B 221 -16.48 26.63 -21.23
N TYR B 222 -16.04 27.27 -20.16
CA TYR B 222 -16.84 27.29 -18.95
C TYR B 222 -18.06 28.21 -19.10
N SER B 223 -17.91 29.35 -19.76
CA SER B 223 -19.05 30.25 -19.91
C SER B 223 -20.17 29.60 -20.74
N LYS B 224 -19.82 28.92 -21.83
CA LYS B 224 -20.82 28.36 -22.73
C LYS B 224 -21.19 26.92 -22.41
N GLY B 225 -20.34 26.18 -21.71
CA GLY B 225 -20.62 24.78 -21.41
C GLY B 225 -20.38 23.83 -22.56
N LYS B 226 -19.27 24.00 -23.27
CA LYS B 226 -19.03 23.28 -24.52
C LYS B 226 -17.56 22.89 -24.60
N CYS B 227 -17.31 21.70 -25.16
CA CYS B 227 -15.95 21.22 -25.35
C CYS B 227 -15.34 21.85 -26.60
N LEU B 228 -14.16 22.46 -26.43
CA LEU B 228 -13.48 23.17 -27.51
C LEU B 228 -12.31 22.39 -28.09
N LYS B 229 -11.67 21.54 -27.29
CA LYS B 229 -10.51 20.79 -27.74
C LYS B 229 -10.49 19.46 -27.01
N THR B 230 -9.92 18.45 -27.65
CA THR B 230 -9.70 17.14 -27.05
C THR B 230 -8.24 16.77 -27.32
N TYR B 231 -7.61 16.15 -26.33
CA TYR B 231 -6.21 15.74 -26.42
C TYR B 231 -6.15 14.25 -26.10
N THR B 232 -5.62 13.47 -27.05
CA THR B 232 -5.60 12.04 -26.93
C THR B 232 -4.26 11.50 -27.39
N GLY B 233 -4.10 10.18 -27.28
CA GLY B 233 -2.87 9.51 -27.63
C GLY B 233 -2.14 8.93 -26.44
N HIS B 234 -2.42 9.46 -25.24
CA HIS B 234 -1.82 9.00 -24.00
C HIS B 234 -2.68 7.91 -23.38
N LYS B 235 -2.22 7.36 -22.27
CA LYS B 235 -2.96 6.31 -21.58
C LYS B 235 -3.36 6.82 -20.21
N ASN B 236 -4.67 6.81 -19.93
CA ASN B 236 -5.15 7.24 -18.61
C ASN B 236 -6.53 6.58 -18.39
N GLU B 237 -6.51 5.40 -17.75
CA GLU B 237 -7.71 4.67 -17.40
C GLU B 237 -7.85 4.39 -15.91
N LYS B 238 -6.86 4.72 -15.10
CA LYS B 238 -6.89 4.38 -13.67
C LYS B 238 -6.57 5.53 -12.73
N TYR B 239 -5.55 6.34 -13.02
CA TYR B 239 -5.01 7.28 -12.04
C TYR B 239 -5.40 8.73 -12.28
N CYS B 240 -5.47 9.49 -11.18
CA CYS B 240 -5.75 10.92 -11.22
C CYS B 240 -4.42 11.64 -11.44
N ILE B 241 -4.12 11.85 -12.72
CA ILE B 241 -2.84 12.41 -13.16
C ILE B 241 -2.98 13.92 -13.31
N PHE B 242 -2.02 14.65 -12.77
CA PHE B 242 -2.03 16.11 -12.89
C PHE B 242 -1.64 16.54 -14.30
N ALA B 243 -2.39 17.49 -14.84
CA ALA B 243 -2.12 18.09 -16.15
C ALA B 243 -1.96 19.60 -15.98
N ASN B 244 -1.45 20.26 -17.02
CA ASN B 244 -1.04 21.64 -16.89
C ASN B 244 -1.18 22.39 -18.20
N PHE B 245 -1.41 23.70 -18.07
CA PHE B 245 -1.22 24.64 -19.17
C PHE B 245 0.20 25.19 -19.07
N SER B 246 1.03 24.88 -20.04
CA SER B 246 2.38 25.46 -20.12
C SER B 246 2.30 26.76 -20.92
N VAL B 247 2.75 27.87 -20.31
CA VAL B 247 2.54 29.20 -20.88
C VAL B 247 3.80 30.05 -20.96
N THR B 248 4.96 29.56 -20.51
CA THR B 248 6.15 30.42 -20.51
C THR B 248 6.74 30.55 -21.90
N GLY B 249 6.58 29.53 -22.74
CA GLY B 249 7.00 29.60 -24.12
C GLY B 249 5.82 29.33 -25.03
N GLY B 250 5.91 28.27 -25.83
CA GLY B 250 4.75 27.87 -26.59
C GLY B 250 3.59 27.48 -25.69
N LYS B 251 2.38 27.57 -26.22
CA LYS B 251 1.18 27.27 -25.45
C LYS B 251 0.88 25.78 -25.58
N TRP B 252 1.24 25.01 -24.56
CA TRP B 252 1.08 23.56 -24.57
C TRP B 252 0.11 23.09 -23.49
N ILE B 253 -0.36 21.85 -23.65
CA ILE B 253 -0.98 21.05 -22.60
C ILE B 253 0.04 19.99 -22.21
N VAL B 254 0.26 19.80 -20.92
CA VAL B 254 1.23 18.82 -20.42
C VAL B 254 0.53 17.86 -19.49
N SER B 255 0.80 16.56 -19.63
CA SER B 255 0.21 15.59 -18.72
C SER B 255 1.12 14.38 -18.59
N GLY B 256 1.06 13.73 -17.43
CA GLY B 256 1.61 12.39 -17.29
C GLY B 256 0.75 11.36 -18.00
N SER B 257 1.19 10.10 -17.91
CA SER B 257 0.55 9.01 -18.64
C SER B 257 0.94 7.70 -17.99
N GLU B 258 0.04 6.71 -18.13
CA GLU B 258 0.23 5.37 -17.55
C GLU B 258 1.15 4.49 -18.38
N ASP B 259 1.65 5.00 -19.51
CA ASP B 259 2.71 4.33 -20.26
C ASP B 259 4.09 4.92 -19.95
N ASN B 260 4.20 5.64 -18.84
CA ASN B 260 5.47 6.07 -18.27
C ASN B 260 6.08 7.27 -18.99
N LEU B 261 5.29 7.95 -19.81
CA LEU B 261 5.77 9.11 -20.56
C LEU B 261 5.09 10.38 -20.09
N VAL B 262 5.74 11.51 -20.36
CA VAL B 262 5.12 12.83 -20.28
C VAL B 262 4.68 13.20 -21.68
N TYR B 263 3.42 13.56 -21.86
CA TYR B 263 2.89 13.99 -23.13
C TYR B 263 2.77 15.50 -23.13
N ILE B 264 3.05 16.11 -24.28
CA ILE B 264 2.92 17.55 -24.49
C ILE B 264 2.17 17.74 -25.80
N TRP B 265 1.08 18.48 -25.76
CA TRP B 265 0.29 18.76 -26.95
C TRP B 265 0.31 20.26 -27.23
N ASN B 266 0.15 20.61 -28.51
CA ASN B 266 -0.18 21.98 -28.90
C ASN B 266 -1.63 22.24 -28.50
N LEU B 267 -1.86 23.29 -27.70
CA LEU B 267 -3.18 23.54 -27.15
C LEU B 267 -4.20 23.78 -28.26
N GLN B 268 -3.83 24.54 -29.29
CA GLN B 268 -4.80 24.88 -30.32
C GLN B 268 -5.01 23.76 -31.34
N THR B 269 -3.93 23.10 -31.76
CA THR B 269 -4.07 22.10 -32.81
C THR B 269 -4.37 20.70 -32.29
N LYS B 270 -4.12 20.43 -31.01
CA LYS B 270 -4.38 19.15 -30.35
C LYS B 270 -3.34 18.11 -30.73
N GLU B 271 -2.34 18.47 -31.50
CA GLU B 271 -1.32 17.51 -31.93
C GLU B 271 -0.28 17.30 -30.83
N ILE B 272 0.14 16.05 -30.67
CA ILE B 272 1.25 15.74 -29.78
C ILE B 272 2.53 16.33 -30.36
N VAL B 273 3.17 17.20 -29.60
CA VAL B 273 4.41 17.83 -30.04
C VAL B 273 5.64 17.24 -29.36
N GLN B 274 5.48 16.51 -28.26
CA GLN B 274 6.61 15.85 -27.63
C GLN B 274 6.13 14.80 -26.65
N LYS B 275 6.92 13.73 -26.53
CA LYS B 275 6.74 12.70 -25.51
C LYS B 275 8.09 12.54 -24.82
N LEU B 276 8.11 12.68 -23.50
CA LEU B 276 9.34 12.64 -22.73
C LEU B 276 9.52 11.27 -22.11
N GLN B 277 10.63 10.62 -22.45
N GLN B 277 10.63 10.63 -22.44
CA GLN B 277 10.92 9.26 -22.05
CA GLN B 277 10.93 9.26 -22.05
C GLN B 277 11.95 9.25 -20.93
C GLN B 277 11.96 9.24 -20.93
N GLY B 278 11.81 8.30 -20.00
CA GLY B 278 12.77 8.12 -18.95
C GLY B 278 12.21 7.48 -17.70
N HIS B 279 10.98 7.83 -17.32
CA HIS B 279 10.38 7.24 -16.14
C HIS B 279 10.09 5.75 -16.35
N THR B 280 10.07 5.01 -15.24
CA THR B 280 9.87 3.57 -15.25
C THR B 280 8.58 3.15 -14.54
N ASP B 281 7.67 4.09 -14.31
CA ASP B 281 6.33 3.77 -13.84
C ASP B 281 5.44 4.94 -14.24
N VAL B 282 4.16 4.82 -13.93
CA VAL B 282 3.18 5.82 -14.28
C VAL B 282 3.66 7.19 -13.87
N VAL B 283 3.57 8.15 -14.79
CA VAL B 283 3.88 9.54 -14.48
C VAL B 283 2.61 10.16 -13.91
N ILE B 284 2.55 10.23 -12.58
CA ILE B 284 1.34 10.66 -11.88
C ILE B 284 1.21 12.16 -11.80
N SER B 285 2.31 12.90 -11.96
CA SER B 285 2.29 14.33 -11.70
C SER B 285 3.29 15.02 -12.63
N THR B 286 2.85 16.12 -13.22
CA THR B 286 3.73 17.06 -13.90
C THR B 286 3.41 18.45 -13.39
N ALA B 287 4.39 19.35 -13.50
CA ALA B 287 4.25 20.75 -13.11
C ALA B 287 5.13 21.59 -14.01
N CYS B 288 4.71 22.82 -14.25
CA CYS B 288 5.42 23.75 -15.12
C CYS B 288 5.95 24.92 -14.31
N HIS B 289 7.20 25.29 -14.55
CA HIS B 289 7.81 26.38 -13.81
C HIS B 289 7.15 27.72 -14.13
N PRO B 290 7.07 28.62 -13.15
CA PRO B 290 6.34 29.87 -13.39
C PRO B 290 6.98 30.83 -14.38
N THR B 291 8.28 30.75 -14.63
CA THR B 291 8.92 31.72 -15.53
C THR B 291 9.78 31.09 -16.62
N GLU B 292 10.39 29.95 -16.34
CA GLU B 292 11.25 29.27 -17.28
C GLU B 292 10.52 28.11 -17.93
N ASN B 293 10.96 27.73 -19.12
CA ASN B 293 10.42 26.54 -19.80
C ASN B 293 11.03 25.30 -19.16
N ILE B 294 10.53 24.98 -17.97
CA ILE B 294 11.03 23.88 -17.16
C ILE B 294 9.82 23.08 -16.70
N ILE B 295 9.88 21.76 -16.84
CA ILE B 295 8.84 20.84 -16.40
C ILE B 295 9.44 19.93 -15.33
N ALA B 296 8.67 19.67 -14.28
CA ALA B 296 8.95 18.57 -13.35
C ALA B 296 7.93 17.46 -13.55
N SER B 297 8.39 16.21 -13.51
CA SER B 297 7.53 15.05 -13.59
C SER B 297 7.88 14.08 -12.48
N ALA B 298 6.91 13.25 -12.06
CA ALA B 298 7.15 12.31 -10.98
C ALA B 298 6.33 11.06 -11.20
N ALA B 299 6.82 9.94 -10.66
CA ALA B 299 6.27 8.63 -10.98
C ALA B 299 6.01 7.76 -9.75
N LEU B 300 5.31 6.65 -10.01
CA LEU B 300 4.81 5.75 -8.98
C LEU B 300 5.90 4.78 -8.52
N GLU B 301 5.51 3.73 -7.80
CA GLU B 301 6.47 3.08 -6.89
C GLU B 301 7.52 2.22 -7.57
N ASN B 302 7.37 1.89 -8.84
CA ASN B 302 8.46 1.23 -9.54
C ASN B 302 9.63 2.18 -9.80
N ASP B 303 9.45 3.48 -9.58
CA ASP B 303 10.34 4.54 -10.06
C ASP B 303 10.69 5.42 -8.87
N LYS B 304 9.70 6.11 -8.30
CA LYS B 304 9.85 6.90 -7.08
C LYS B 304 10.67 8.18 -7.30
N THR B 305 11.00 8.53 -8.53
CA THR B 305 11.83 9.71 -8.74
C THR B 305 11.03 10.84 -9.40
N ILE B 306 11.65 12.01 -9.34
CA ILE B 306 11.20 13.24 -9.95
C ILE B 306 12.26 13.63 -11.00
N LYS B 307 11.82 14.06 -12.17
CA LYS B 307 12.75 14.53 -13.18
C LYS B 307 12.45 15.97 -13.56
N LEU B 308 13.52 16.72 -13.82
CA LEU B 308 13.44 18.11 -14.25
C LEU B 308 13.93 18.19 -15.69
N TRP B 309 13.17 18.90 -16.52
CA TRP B 309 13.38 18.99 -17.95
C TRP B 309 13.43 20.45 -18.36
N LYS B 310 14.19 20.77 -19.41
CA LYS B 310 14.32 22.14 -19.89
C LYS B 310 14.12 22.18 -21.40
N SER B 311 13.38 23.18 -21.88
CA SER B 311 13.18 23.44 -23.30
C SER B 311 13.65 24.83 -23.68
N ASP B 312 14.05 24.99 -24.94
CA ASP B 312 14.39 26.31 -25.46
C ASP B 312 13.16 27.12 -25.82
N CYS B 313 11.97 26.52 -25.85
CA CYS B 313 10.75 27.25 -26.14
C CYS B 313 9.53 26.52 -25.58
C10 HLM C . 10.07 -14.79 6.86
N12 HLM C . 7.92 -15.63 6.47
C13 HLM C . 6.65 -15.25 6.95
C15 HLM C . 4.94 -14.49 8.33
C20 HLM C . 9.73 -7.20 8.91
C21 HLM C . 8.36 -6.55 9.01
C22 HLM C . 7.33 -6.83 7.92
C01 HLM C . 12.70 -7.91 7.21
C02 HLM C . 11.49 -8.70 7.68
C04 HLM C . 10.81 -11.06 7.55
C06 HLM C . 11.00 -12.42 6.96
C07 HLM C . 12.01 -12.75 5.89
C08 HLM C . 12.06 -14.16 5.34
C09 HLM C . 11.06 -15.19 5.82
C11 HLM C . 9.06 -15.77 7.38
C16 HLM C . 4.37 -14.80 6.99
C18 HLM C . 10.04 -13.42 7.46
C19 HLM C . 10.12 -8.03 7.68
C23 HLM C . 7.69 -7.70 6.72
C25 HLM C . 9.10 -8.28 6.58
N03 HLM C . 11.32 -9.92 6.86
N14 HLM C . 6.36 -14.70 8.25
N17 HLM C . 5.44 -15.30 6.18
O05 HLM C . 10.28 -10.92 8.59
CL HLM C . 6.47 -8.01 5.47
H121 HLM C . 8.02 -15.79 5.63
H152 HLM C . 4.60 -15.17 8.93
H151 HLM C . 4.81 -13.54 8.46
H201 HLM C . 10.35 -7.08 9.60
H211 HLM C . 8.15 -5.99 9.72
H221 HLM C . 6.46 -6.48 8.00
H011 HLM C . 13.46 -8.12 7.76
H013 HLM C . 12.50 -6.95 7.28
H012 HLM C . 12.89 -8.13 6.28
H021 HLM C . 11.74 -8.86 8.60
H071 HLM C . 12.59 -12.10 5.57
H081 HLM C . 12.71 -14.40 4.72
H091 HLM C . 11.06 -16.06 5.46
H111 HLM C . 9.42 -16.68 7.34
H112 HLM C . 8.80 -15.56 8.29
H161 HLM C . 3.75 -15.54 7.11
H162 HLM C . 4.11 -13.96 6.59
H181 HLM C . 9.44 -13.22 8.14
H251 HLM C . 9.33 -8.76 5.83
H031 HLM C . 11.50 -9.95 6.02
H171 HLM C . 5.37 -15.60 5.37
C10 HLM D . -2.36 10.25 -6.77
N12 HLM D . -2.59 12.58 -6.37
C13 HLM D . -3.59 13.40 -6.89
C15 HLM D . -5.11 14.53 -8.30
C20 HLM D . -9.08 6.85 -9.43
C21 HLM D . -10.35 7.68 -9.60
C22 HLM D . -10.71 8.69 -8.53
C01 HLM D . -7.30 4.69 -7.56
C02 HLM D . -6.96 6.11 -8.04
C04 HLM D . -5.15 7.78 -7.78
C06 HLM D . -3.96 8.28 -7.04
C07 HLM D . -3.35 7.62 -5.82
C08 HLM D . -2.18 8.26 -5.11
C09 HLM D . -1.69 9.63 -5.58
C11 HLM D . -1.89 11.62 -7.23
C16 HLM D . -5.19 15.12 -6.91
C18 HLM D . -3.46 9.58 -7.52
C19 HLM D . -8.24 6.94 -8.16
C23 HLM D . -9.83 8.80 -7.27
C25 HLM D . -8.62 7.92 -7.05
N03 HLM D . -6.00 6.80 -7.17
N14 HLM D . -4.15 13.46 -8.23
N17 HLM D . -4.24 14.43 -6.09
O05 HLM D . -5.45 8.16 -8.84
CL HLM D . -10.23 9.95 -5.96
H121 HLM D . -2.38 12.63 -5.53
H152 HLM D . -4.71 15.22 -8.86
H151 HLM D . -5.97 14.13 -8.48
H201 HLM D . -8.82 6.28 -10.10
H211 HLM D . -10.89 7.56 -10.35
H221 HLM D . -11.45 9.24 -8.62
H011 HLM D . -6.80 4.04 -8.08
H013 HLM D . -8.25 4.53 -7.67
H012 HLM D . -7.07 4.60 -6.62
H021 HLM D . -6.54 6.00 -8.91
H071 HLM D . -3.69 6.81 -5.51
H081 HLM D . -1.76 7.83 -4.40
H091 HLM D . -0.99 10.06 -5.14
H111 HLM D . -0.93 11.71 -7.12
H112 HLM D . -2.12 11.76 -8.16
H161 HLM D . -4.88 16.03 -6.99
H162 HLM D . -6.07 14.89 -6.57
H181 HLM D . -3.84 9.99 -8.27
H251 HLM D . -8.13 7.95 -6.26
H031 HLM D . -5.96 6.63 -6.33
H171 HLM D . -4.06 14.60 -5.26
#